data_7X8V
#
_entry.id   7X8V
#
_cell.length_a   89.932
_cell.length_b   89.780
_cell.length_c   107.088
_cell.angle_alpha   90.00
_cell.angle_beta   106.56
_cell.angle_gamma   90.00
#
_symmetry.space_group_name_H-M   'P 1 21 1'
#
loop_
_entity.id
_entity.type
_entity.pdbx_description
1 polymer 'Os01g0156300 protein'
2 water water
#
_entity_poly.entity_id   1
_entity_poly.type   'polypeptide(L)'
_entity_poly.pdbx_seq_one_letter_code
;GPGHMMAAEAWRSRFRERVVEAAERWESVGESLATALTHLKSPMHAGDEEEAAAARTRIQLAMGELVDASRNLASAMSLM
KVAELLALHGGSVNPSTHLGEISLLGDQYLAERNAGIKLLEAGKDARKAYISVDGCRGNLDAILLLLDHPRVPCVDDFIE
EELFVAGDNLQGAIGNAKLGTERAVGARQDVSGAN
;
_entity_poly.pdbx_strand_id   A,B,C,D,E,F
#
# COMPACT_ATOMS: atom_id res chain seq x y z
N ALA A 8 10.59 33.64 2.08
CA ALA A 8 10.62 32.27 1.47
C ALA A 8 11.97 31.52 1.55
N GLU A 9 12.97 32.00 2.32
CA GLU A 9 14.29 31.34 2.43
C GLU A 9 14.76 31.18 3.91
N ALA A 10 15.48 32.16 4.46
CA ALA A 10 16.20 32.02 5.74
C ALA A 10 15.33 31.56 6.92
N TRP A 11 14.13 32.12 7.02
CA TRP A 11 13.19 31.78 8.09
C TRP A 11 12.90 30.30 8.14
N ARG A 12 12.89 29.63 6.98
CA ARG A 12 12.61 28.19 6.93
C ARG A 12 13.70 27.37 7.64
N SER A 13 14.96 27.78 7.51
CA SER A 13 16.05 27.14 8.27
C SER A 13 15.90 27.37 9.75
N ARG A 14 15.64 28.63 10.14
CA ARG A 14 15.43 28.95 11.54
C ARG A 14 14.28 28.12 12.09
N PHE A 15 13.19 28.02 11.32
CA PHE A 15 12.03 27.18 11.69
C PHE A 15 12.47 25.74 11.95
N ARG A 16 13.22 25.15 11.03
CA ARG A 16 13.68 23.76 11.22
C ARG A 16 14.54 23.60 12.47
N GLU A 17 15.49 24.51 12.68
CA GLU A 17 16.36 24.45 13.86
C GLU A 17 15.57 24.49 15.18
N ARG A 18 14.56 25.36 15.22
CA ARG A 18 13.72 25.45 16.40
C ARG A 18 12.91 24.20 16.64
N VAL A 19 12.37 23.61 15.58
CA VAL A 19 11.65 22.36 15.71
C VAL A 19 12.61 21.25 16.15
N VAL A 20 13.80 21.20 15.57
CA VAL A 20 14.79 20.19 15.98
C VAL A 20 15.11 20.32 17.47
N GLU A 21 15.36 21.55 17.93
CA GLU A 21 15.68 21.81 19.34
C GLU A 21 14.48 21.50 20.24
N ALA A 22 13.27 21.82 19.78
CA ALA A 22 12.07 21.53 20.58
C ALA A 22 11.96 20.02 20.85
N ALA A 23 12.25 19.21 19.85
CA ALA A 23 12.17 17.78 20.00
C ALA A 23 13.19 17.28 21.03
N GLU A 24 14.38 17.90 21.07
CA GLU A 24 15.39 17.58 22.08
C GLU A 24 14.92 17.90 23.49
N ARG A 25 14.30 19.05 23.63
CA ARG A 25 13.76 19.44 24.91
C ARG A 25 12.68 18.47 25.36
N TRP A 26 11.78 18.11 24.46
CA TRP A 26 10.71 17.16 24.79
C TRP A 26 11.26 15.82 25.26
N GLU A 27 12.29 15.32 24.58
CA GLU A 27 12.87 14.06 25.01
C GLU A 27 13.52 14.16 26.40
N SER A 28 14.15 15.28 26.70
CA SER A 28 14.64 15.53 28.05
C SER A 28 13.49 15.55 29.11
N VAL A 29 12.36 16.18 28.79
CA VAL A 29 11.23 16.22 29.68
C VAL A 29 10.75 14.80 30.04
N GLY A 30 10.58 13.94 29.03
CA GLY A 30 10.13 12.57 29.26
C GLY A 30 11.03 11.81 30.22
N GLU A 31 12.33 12.02 30.09
CA GLU A 31 13.32 11.33 30.94
C GLU A 31 13.26 11.81 32.36
N SER A 32 13.17 13.13 32.55
CA SER A 32 13.03 13.68 33.91
C SER A 32 11.74 13.27 34.62
N LEU A 33 10.61 13.27 33.90
CA LEU A 33 9.35 12.84 34.53
C LEU A 33 9.39 11.39 34.95
N ALA A 34 9.97 10.55 34.10
CA ALA A 34 10.07 9.12 34.41
C ALA A 34 10.90 8.87 35.66
N THR A 35 12.07 9.51 35.74
CA THR A 35 12.92 9.42 36.94
C THR A 35 12.21 9.94 38.18
N ALA A 36 11.51 11.08 38.06
CA ALA A 36 10.76 11.56 39.20
C ALA A 36 9.82 10.48 39.76
N LEU A 37 9.09 9.82 38.87
CA LEU A 37 8.10 8.83 39.29
C LEU A 37 8.74 7.65 40.02
N THR A 38 9.95 7.27 39.64
CA THR A 38 10.63 6.17 40.34
C THR A 38 10.81 6.44 41.84
N HIS A 39 10.88 7.71 42.21
CA HIS A 39 11.05 8.06 43.61
C HIS A 39 9.75 8.04 44.42
N LEU A 40 8.60 7.91 43.72
CA LEU A 40 7.29 8.09 44.34
C LEU A 40 6.48 6.81 44.42
N LYS A 41 7.13 5.66 44.29
CA LYS A 41 6.40 4.40 44.21
C LYS A 41 6.07 3.76 45.55
N SER A 42 7.02 3.70 46.46
CA SER A 42 6.77 3.04 47.72
C SER A 42 6.13 4.01 48.74
N PRO A 43 5.46 3.46 49.78
CA PRO A 43 4.84 4.27 50.80
C PRO A 43 5.81 5.19 51.55
N MET A 44 5.30 6.32 52.04
CA MET A 44 6.05 7.21 52.92
C MET A 44 5.38 7.24 54.30
N HIS A 45 6.18 7.37 55.34
CA HIS A 45 5.75 7.28 56.73
C HIS A 45 6.40 8.36 57.57
N ALA A 46 5.64 8.87 58.53
CA ALA A 46 6.05 9.97 59.40
C ALA A 46 6.32 9.53 60.82
N GLY A 47 5.89 8.33 61.19
CA GLY A 47 5.85 7.89 62.59
C GLY A 47 7.17 7.54 63.25
N ASP A 48 8.25 7.73 62.51
CA ASP A 48 9.57 7.50 62.99
C ASP A 48 10.47 8.53 62.28
N GLU A 49 11.43 9.11 62.98
CA GLU A 49 12.30 10.15 62.39
C GLU A 49 13.11 9.65 61.19
N GLU A 50 13.56 8.40 61.24
CA GLU A 50 14.31 7.83 60.13
C GLU A 50 13.44 7.62 58.91
N GLU A 51 12.23 7.11 59.08
CA GLU A 51 11.31 6.94 57.95
C GLU A 51 10.92 8.28 57.36
N ALA A 52 10.72 9.29 58.21
CA ALA A 52 10.38 10.62 57.73
C ALA A 52 11.51 11.22 56.91
N ALA A 53 12.74 11.09 57.39
CA ALA A 53 13.93 11.55 56.64
C ALA A 53 14.10 10.85 55.30
N ALA A 54 13.86 9.54 55.26
CA ALA A 54 13.91 8.79 53.99
C ALA A 54 12.92 9.39 53.01
N ALA A 55 11.70 9.66 53.48
CA ALA A 55 10.66 10.20 52.62
C ALA A 55 11.01 11.60 52.10
N ARG A 56 11.53 12.46 52.98
CA ARG A 56 11.97 13.80 52.55
C ARG A 56 13.06 13.71 51.49
N THR A 57 13.99 12.77 51.64
CA THR A 57 15.05 12.64 50.65
C THR A 57 14.44 12.26 49.28
N ARG A 58 13.53 11.29 49.28
CA ARG A 58 12.85 10.87 48.05
C ARG A 58 12.11 12.02 47.39
N ILE A 59 11.45 12.80 48.23
CA ILE A 59 10.75 13.98 47.75
C ILE A 59 11.70 14.99 47.11
N GLN A 60 12.83 15.27 47.76
CA GLN A 60 13.78 16.24 47.21
C GLN A 60 14.42 15.75 45.89
N LEU A 61 14.67 14.44 45.79
CA LEU A 61 15.12 13.88 44.51
C LEU A 61 14.06 14.11 43.42
N ALA A 62 12.81 13.78 43.72
CA ALA A 62 11.69 13.93 42.76
C ALA A 62 11.58 15.37 42.37
N MET A 63 11.62 16.25 43.35
N MET A 63 11.62 16.25 43.35
CA MET A 63 11.51 17.68 43.11
CA MET A 63 11.52 17.68 43.12
C MET A 63 12.57 18.23 42.15
C MET A 63 12.57 18.23 42.15
N GLY A 64 13.80 17.74 42.28
CA GLY A 64 14.88 18.13 41.37
C GLY A 64 14.59 17.71 39.94
N GLU A 65 14.07 16.51 39.78
CA GLU A 65 13.69 16.03 38.46
C GLU A 65 12.53 16.88 37.87
N LEU A 66 11.56 17.21 38.71
CA LEU A 66 10.41 18.06 38.29
C LEU A 66 10.84 19.47 37.91
N VAL A 67 11.82 20.03 38.62
CA VAL A 67 12.36 21.34 38.19
C VAL A 67 12.99 21.26 36.79
N ASP A 68 13.73 20.17 36.52
CA ASP A 68 14.33 19.99 35.22
C ASP A 68 13.22 19.84 34.18
N ALA A 69 12.26 18.97 34.46
CA ALA A 69 11.11 18.81 33.56
C ALA A 69 10.38 20.11 33.29
N SER A 70 10.13 20.90 34.32
CA SER A 70 9.44 22.19 34.13
C SER A 70 10.21 23.16 33.28
N ARG A 71 11.51 23.28 33.54
CA ARG A 71 12.40 24.11 32.74
C ARG A 71 12.40 23.70 31.26
N ASN A 72 12.52 22.40 30.99
CA ASN A 72 12.56 21.95 29.62
C ASN A 72 11.24 22.04 28.93
N LEU A 73 10.14 21.86 29.66
CA LEU A 73 8.80 22.19 29.14
C LEU A 73 8.66 23.65 28.78
N ALA A 74 9.16 24.54 29.64
CA ALA A 74 9.07 25.98 29.37
C ALA A 74 9.88 26.34 28.09
N SER A 75 11.06 25.71 27.94
N SER A 75 11.06 25.72 27.92
CA SER A 75 11.90 25.88 26.76
CA SER A 75 11.87 25.94 26.72
C SER A 75 11.21 25.36 25.48
C SER A 75 11.20 25.37 25.46
N ALA A 76 10.66 24.14 25.55
CA ALA A 76 9.91 23.54 24.43
C ALA A 76 8.74 24.47 24.00
N MET A 77 7.98 24.99 24.95
CA MET A 77 6.88 25.89 24.61
C MET A 77 7.38 27.14 23.88
N SER A 78 8.47 27.72 24.37
CA SER A 78 9.03 28.93 23.77
C SER A 78 9.49 28.63 22.34
N LEU A 79 10.27 27.56 22.19
CA LEU A 79 10.81 27.18 20.89
C LEU A 79 9.72 26.94 19.86
N MET A 80 8.68 26.24 20.27
CA MET A 80 7.58 25.92 19.37
C MET A 80 6.80 27.17 19.02
N LYS A 81 6.61 28.08 19.98
CA LYS A 81 5.92 29.33 19.68
C LYS A 81 6.69 30.20 18.67
N VAL A 82 8.00 30.37 18.91
CA VAL A 82 8.89 31.11 18.00
C VAL A 82 8.85 30.47 16.59
N ALA A 83 8.85 29.14 16.51
CA ALA A 83 8.76 28.49 15.20
C ALA A 83 7.49 28.91 14.46
N GLU A 84 6.36 28.81 15.15
CA GLU A 84 5.10 29.25 14.57
C GLU A 84 5.19 30.70 14.10
N LEU A 85 5.75 31.60 14.91
CA LEU A 85 5.79 33.00 14.52
C LEU A 85 6.73 33.21 13.33
N LEU A 86 7.85 32.49 13.30
CA LEU A 86 8.72 32.51 12.10
C LEU A 86 7.95 32.25 10.83
N ALA A 87 7.07 31.25 10.86
CA ALA A 87 6.24 30.88 9.71
C ALA A 87 5.15 31.91 9.43
N LEU A 88 4.45 32.36 10.46
CA LEU A 88 3.43 33.39 10.26
C LEU A 88 3.98 34.69 9.61
N HIS A 89 5.18 35.12 10.03
CA HIS A 89 5.84 36.30 9.42
C HIS A 89 6.54 35.98 8.12
N GLY A 90 7.36 34.94 8.14
CA GLY A 90 8.06 34.50 6.94
C GLY A 90 7.16 34.20 5.75
N GLY A 91 6.01 33.58 6.00
CA GLY A 91 5.11 33.14 4.96
C GLY A 91 4.18 34.21 4.44
N SER A 92 4.17 35.38 5.07
CA SER A 92 3.27 36.45 4.70
C SER A 92 3.67 37.07 3.35
N VAL A 93 2.68 37.30 2.48
CA VAL A 93 2.91 37.91 1.16
C VAL A 93 3.33 39.39 1.23
N ASN A 94 2.76 40.15 2.19
CA ASN A 94 3.14 41.55 2.47
C ASN A 94 4.13 41.59 3.62
N PRO A 95 5.31 42.21 3.40
CA PRO A 95 6.37 42.34 4.44
C PRO A 95 5.92 43.04 5.74
N SER A 96 4.94 43.95 5.65
CA SER A 96 4.39 44.65 6.83
C SER A 96 3.44 43.83 7.72
N THR A 97 2.85 42.74 7.19
CA THR A 97 1.83 41.93 7.90
C THR A 97 2.33 40.50 8.19
N HIS A 98 1.69 39.81 9.13
CA HIS A 98 1.90 38.37 9.33
C HIS A 98 0.58 37.64 9.07
N LEU A 99 0.68 36.36 8.73
CA LEU A 99 -0.50 35.52 8.55
C LEU A 99 -1.25 35.35 9.85
N GLY A 100 -2.57 35.31 9.75
CA GLY A 100 -3.41 35.16 10.93
C GLY A 100 -3.29 33.84 11.64
N GLU A 101 -3.00 32.76 10.92
CA GLU A 101 -2.83 31.46 11.54
C GLU A 101 -2.11 30.52 10.60
N ILE A 102 -1.57 29.45 11.16
CA ILE A 102 -0.65 28.61 10.39
C ILE A 102 -1.33 27.94 9.19
N SER A 103 -2.63 27.59 9.29
CA SER A 103 -3.36 26.97 8.17
C SER A 103 -3.57 27.88 6.95
N LEU A 104 -3.28 29.18 7.10
CA LEU A 104 -3.24 30.13 5.97
C LEU A 104 -1.92 30.17 5.20
N LEU A 105 -0.88 29.49 5.69
CA LEU A 105 0.33 29.34 4.92
C LEU A 105 0.07 28.84 3.52
N GLY A 106 0.78 29.41 2.56
CA GLY A 106 0.70 28.98 1.18
C GLY A 106 1.17 27.55 1.01
N ASP A 107 0.66 26.88 -0.01
CA ASP A 107 1.01 25.49 -0.29
C ASP A 107 2.49 25.30 -0.68
N GLN A 108 3.18 26.37 -1.03
CA GLN A 108 4.63 26.29 -1.22
C GLN A 108 5.38 26.03 0.09
N TYR A 109 4.71 26.31 1.23
CA TYR A 109 5.25 26.03 2.57
C TYR A 109 4.51 24.86 3.25
N LEU A 110 4.08 23.86 2.47
CA LEU A 110 3.33 22.73 3.02
C LEU A 110 4.07 22.05 4.20
N ALA A 111 5.39 21.91 4.09
CA ALA A 111 6.18 21.26 5.13
C ALA A 111 6.05 21.99 6.45
N GLU A 112 6.20 23.31 6.41
CA GLU A 112 6.07 24.16 7.59
C GLU A 112 4.63 24.21 8.12
N ARG A 113 3.67 24.17 7.20
CA ARG A 113 2.24 24.17 7.58
C ARG A 113 1.87 22.86 8.31
N ASN A 114 2.29 21.73 7.73
CA ASN A 114 2.10 20.45 8.39
C ASN A 114 2.78 20.44 9.75
N ALA A 115 4.03 20.91 9.81
CA ALA A 115 4.77 20.93 11.07
C ALA A 115 4.07 21.83 12.08
N GLY A 116 3.65 23.00 11.63
CA GLY A 116 2.97 23.99 12.49
C GLY A 116 1.69 23.51 13.17
N ILE A 117 0.91 22.73 12.45
CA ILE A 117 -0.31 22.12 13.00
C ILE A 117 0.05 21.20 14.19
N LYS A 118 1.09 20.39 14.02
CA LYS A 118 1.57 19.54 15.11
C LYS A 118 2.10 20.35 16.30
N LEU A 119 2.83 21.43 16.04
CA LEU A 119 3.37 22.29 17.09
C LEU A 119 2.29 22.98 17.91
N LEU A 120 1.20 23.40 17.26
CA LEU A 120 0.07 23.95 17.99
C LEU A 120 -0.53 22.96 19.01
N GLU A 121 -0.73 21.70 18.62
CA GLU A 121 -1.27 20.72 19.57
C GLU A 121 -0.19 20.34 20.59
N ALA A 122 1.07 20.27 20.18
CA ALA A 122 2.16 20.02 21.15
C ALA A 122 2.23 21.09 22.22
N GLY A 123 1.97 22.34 21.85
CA GLY A 123 1.82 23.44 22.81
C GLY A 123 0.78 23.20 23.87
N LYS A 124 -0.37 22.67 23.48
CA LYS A 124 -1.38 22.28 24.44
C LYS A 124 -0.91 21.13 25.35
N ASP A 125 -0.25 20.13 24.77
CA ASP A 125 0.33 19.04 25.52
C ASP A 125 1.32 19.55 26.58
N ALA A 126 2.16 20.50 26.18
CA ALA A 126 3.16 21.07 27.08
C ALA A 126 2.52 21.84 28.19
N ARG A 127 1.46 22.58 27.88
CA ARG A 127 0.80 23.35 28.95
C ARG A 127 0.11 22.45 29.96
N LYS A 128 -0.57 21.42 29.47
CA LYS A 128 -1.18 20.44 30.36
C LYS A 128 -0.11 19.71 31.19
N ALA A 129 1.02 19.38 30.59
CA ALA A 129 2.10 18.72 31.36
C ALA A 129 2.63 19.67 32.44
N TYR A 130 2.86 20.91 32.07
CA TYR A 130 3.34 21.91 33.03
C TYR A 130 2.42 22.05 34.25
N ILE A 131 1.11 22.12 34.01
CA ILE A 131 0.09 22.23 35.05
C ILE A 131 0.08 20.98 35.92
N SER A 132 0.20 19.81 35.30
CA SER A 132 0.19 18.59 36.07
C SER A 132 1.43 18.45 36.93
N VAL A 133 2.58 18.90 36.43
CA VAL A 133 3.82 18.90 37.19
C VAL A 133 3.66 19.82 38.41
N ASP A 134 3.08 20.99 38.20
CA ASP A 134 2.82 21.91 39.33
C ASP A 134 1.88 21.28 40.35
N GLY A 135 0.90 20.52 39.88
CA GLY A 135 -0.02 19.78 40.79
C GLY A 135 0.74 18.75 41.62
N CYS A 136 1.57 17.97 40.95
CA CYS A 136 2.42 16.98 41.63
C CYS A 136 3.31 17.65 42.70
N ARG A 137 4.01 18.69 42.30
CA ARG A 137 4.77 19.50 43.27
C ARG A 137 3.97 19.89 44.51
N GLY A 138 2.75 20.35 44.28
CA GLY A 138 1.83 20.74 45.34
C GLY A 138 1.53 19.60 46.29
N ASN A 139 1.37 18.39 45.73
CA ASN A 139 1.17 17.20 46.55
C ASN A 139 2.44 16.87 47.34
N LEU A 140 3.59 16.95 46.70
CA LEU A 140 4.85 16.64 47.39
C LEU A 140 5.10 17.68 48.52
N ASP A 141 4.81 18.94 48.26
CA ASP A 141 4.84 20.00 49.30
C ASP A 141 3.93 19.66 50.48
N ALA A 142 2.72 19.17 50.21
CA ALA A 142 1.78 18.74 51.27
C ALA A 142 2.33 17.60 52.13
N ILE A 143 2.98 16.62 51.49
CA ILE A 143 3.62 15.54 52.20
C ILE A 143 4.70 16.08 53.11
N LEU A 144 5.49 17.05 52.64
CA LEU A 144 6.54 17.64 53.50
C LEU A 144 5.94 18.29 54.74
N LEU A 145 4.80 18.95 54.58
CA LEU A 145 4.08 19.51 55.73
C LEU A 145 3.60 18.40 56.67
N LEU A 146 3.01 17.34 56.13
CA LEU A 146 2.53 16.24 56.92
C LEU A 146 3.67 15.52 57.65
N LEU A 147 4.83 15.40 57.03
CA LEU A 147 5.99 14.75 57.70
C LEU A 147 6.48 15.52 58.92
N ASP A 148 6.24 16.83 58.97
CA ASP A 148 6.54 17.63 60.16
C ASP A 148 5.46 17.61 61.24
N HIS A 149 4.35 16.90 61.05
CA HIS A 149 3.32 16.74 62.06
C HIS A 149 3.03 15.27 62.37
N PRO A 150 4.05 14.53 62.87
CA PRO A 150 3.87 13.10 63.13
C PRO A 150 2.78 12.74 64.13
N ARG A 151 2.43 13.66 65.03
CA ARG A 151 1.44 13.37 66.05
C ARG A 151 0.02 13.54 65.56
N VAL A 152 -0.17 14.10 64.36
CA VAL A 152 -1.51 14.22 63.79
C VAL A 152 -2.12 12.82 63.63
N PRO A 153 -3.35 12.62 64.15
CA PRO A 153 -3.93 11.29 63.99
C PRO A 153 -4.18 11.02 62.52
N CYS A 154 -3.90 9.78 62.09
CA CYS A 154 -4.10 9.36 60.71
C CYS A 154 -3.13 10.01 59.72
N VAL A 155 -2.04 10.61 60.20
CA VAL A 155 -1.10 11.32 59.30
C VAL A 155 -0.59 10.44 58.18
N ASP A 156 -0.31 9.16 58.45
CA ASP A 156 0.12 8.27 57.37
C ASP A 156 -0.96 8.03 56.33
N ASP A 157 -2.25 8.04 56.70
CA ASP A 157 -3.32 7.94 55.70
C ASP A 157 -3.33 9.21 54.80
N PHE A 158 -3.09 10.38 55.42
CA PHE A 158 -3.09 11.65 54.67
C PHE A 158 -1.90 11.68 53.70
N ILE A 159 -0.75 11.22 54.16
CA ILE A 159 0.41 11.09 53.30
C ILE A 159 0.10 10.17 52.12
N GLU A 160 -0.52 9.02 52.41
CA GLU A 160 -0.88 8.03 51.35
C GLU A 160 -1.78 8.66 50.29
N GLU A 161 -2.75 9.44 50.75
CA GLU A 161 -3.67 10.18 49.89
C GLU A 161 -2.90 11.13 48.95
N GLU A 162 -2.02 11.93 49.53
CA GLU A 162 -1.26 12.91 48.76
C GLU A 162 -0.25 12.27 47.83
N LEU A 163 0.36 11.18 48.25
CA LEU A 163 1.27 10.46 47.41
C LEU A 163 0.60 9.86 46.20
N PHE A 164 -0.61 9.30 46.40
CA PHE A 164 -1.42 8.80 45.31
C PHE A 164 -1.75 9.88 44.31
N VAL A 165 -2.18 11.05 44.80
CA VAL A 165 -2.52 12.13 43.91
C VAL A 165 -1.26 12.67 43.22
N ALA A 166 -0.14 12.73 43.92
CA ALA A 166 1.14 13.10 43.27
C ALA A 166 1.45 12.20 42.09
N GLY A 167 1.31 10.90 42.30
CA GLY A 167 1.57 9.93 41.21
C GLY A 167 0.58 10.06 40.08
N ASP A 168 -0.67 10.40 40.41
CA ASP A 168 -1.70 10.54 39.39
C ASP A 168 -1.42 11.78 38.51
N ASN A 169 -1.07 12.89 39.17
CA ASN A 169 -0.70 14.09 38.47
C ASN A 169 0.54 13.87 37.58
N LEU A 170 1.57 13.22 38.14
CA LEU A 170 2.78 12.95 37.40
C LEU A 170 2.52 12.02 36.20
N GLN A 171 1.68 11.02 36.40
CA GLN A 171 1.32 10.07 35.30
C GLN A 171 0.57 10.85 34.20
N GLY A 172 -0.26 11.82 34.59
CA GLY A 172 -0.88 12.72 33.63
C GLY A 172 0.17 13.45 32.78
N ALA A 173 1.15 14.06 33.45
CA ALA A 173 2.23 14.77 32.74
C ALA A 173 3.03 13.84 31.80
N ILE A 174 3.29 12.63 32.28
CA ILE A 174 4.00 11.62 31.48
C ILE A 174 3.23 11.35 30.18
N GLY A 175 1.91 11.21 30.29
CA GLY A 175 1.09 10.99 29.11
C GLY A 175 1.08 12.19 28.15
N ASN A 176 0.99 13.40 28.68
CA ASN A 176 1.05 14.61 27.87
C ASN A 176 2.41 14.72 27.15
N ALA A 177 3.49 14.41 27.86
CA ALA A 177 4.82 14.48 27.28
C ALA A 177 5.03 13.45 26.20
N LYS A 178 4.44 12.28 26.35
CA LYS A 178 4.51 11.24 25.30
C LYS A 178 3.90 11.77 24.00
N LEU A 179 2.72 12.34 24.11
CA LEU A 179 2.04 12.89 22.94
C LEU A 179 2.77 14.11 22.36
N GLY A 180 3.20 15.01 23.22
CA GLY A 180 3.93 16.20 22.81
C GLY A 180 5.22 15.88 22.10
N THR A 181 5.96 14.90 22.62
CA THR A 181 7.21 14.43 22.01
C THR A 181 6.94 13.85 20.64
N GLU A 182 5.92 13.02 20.55
CA GLU A 182 5.51 12.41 19.28
C GLU A 182 5.16 13.48 18.26
N ARG A 183 4.40 14.49 18.69
CA ARG A 183 4.10 15.61 17.77
C ARG A 183 5.34 16.39 17.35
N ALA A 184 6.25 16.62 18.29
CA ALA A 184 7.46 17.40 17.98
C ALA A 184 8.40 16.63 17.06
N VAL A 185 8.52 15.33 17.27
CA VAL A 185 9.33 14.53 16.35
C VAL A 185 8.65 14.45 14.96
N GLY A 186 7.32 14.36 14.92
CA GLY A 186 6.55 14.42 13.68
C GLY A 186 6.81 15.71 12.91
N ALA A 187 6.78 16.83 13.64
CA ALA A 187 7.09 18.13 13.06
C ALA A 187 8.51 18.16 12.49
N ARG A 188 9.46 17.65 13.25
CA ARG A 188 10.84 17.57 12.78
C ARG A 188 10.90 16.78 11.46
N GLN A 189 10.26 15.62 11.43
CA GLN A 189 10.15 14.82 10.22
C GLN A 189 9.54 15.62 9.05
N ASP A 190 8.48 16.40 9.33
CA ASP A 190 7.88 17.24 8.29
C ASP A 190 8.86 18.18 7.61
N VAL A 191 9.81 18.73 8.37
CA VAL A 191 10.74 19.71 7.81
C VAL A 191 12.18 19.21 7.62
N SER A 192 12.39 17.88 7.65
CA SER A 192 13.74 17.29 7.54
C SER A 192 13.76 16.23 6.46
N ALA B 8 -25.18 -22.99 39.93
CA ALA B 8 -25.63 -24.05 40.88
C ALA B 8 -24.48 -24.57 41.77
N GLU B 9 -24.15 -25.87 41.67
CA GLU B 9 -23.36 -26.57 42.66
C GLU B 9 -22.28 -27.46 42.04
N ALA B 10 -22.65 -28.62 41.49
CA ALA B 10 -21.67 -29.64 41.12
C ALA B 10 -20.59 -29.15 40.11
N TRP B 11 -21.00 -28.32 39.16
CA TRP B 11 -20.06 -27.84 38.13
C TRP B 11 -18.87 -27.05 38.69
N ARG B 12 -19.08 -26.39 39.83
CA ARG B 12 -18.06 -25.56 40.43
C ARG B 12 -16.85 -26.37 40.88
N SER B 13 -17.12 -27.53 41.48
CA SER B 13 -16.05 -28.45 41.84
C SER B 13 -15.32 -28.96 40.57
N ARG B 14 -16.07 -29.28 39.51
CA ARG B 14 -15.46 -29.78 38.26
C ARG B 14 -14.64 -28.67 37.56
N PHE B 15 -15.08 -27.43 37.68
CA PHE B 15 -14.35 -26.27 37.22
C PHE B 15 -13.04 -26.17 37.99
N ARG B 16 -13.11 -26.20 39.33
CA ARG B 16 -11.91 -26.10 40.16
C ARG B 16 -10.85 -27.19 39.86
N GLU B 17 -11.28 -28.45 39.76
CA GLU B 17 -10.35 -29.55 39.45
C GLU B 17 -9.59 -29.31 38.15
N ARG B 18 -10.28 -28.80 37.14
CA ARG B 18 -9.68 -28.56 35.83
C ARG B 18 -8.72 -27.39 35.89
N VAL B 19 -9.05 -26.36 36.65
CA VAL B 19 -8.12 -25.26 36.81
C VAL B 19 -6.84 -25.71 37.55
N VAL B 20 -7.00 -26.50 38.60
CA VAL B 20 -5.87 -26.99 39.38
C VAL B 20 -4.98 -27.82 38.45
N GLU B 21 -5.59 -28.75 37.73
CA GLU B 21 -4.82 -29.61 36.81
C GLU B 21 -4.16 -28.78 35.69
N ALA B 22 -4.87 -27.78 35.15
CA ALA B 22 -4.32 -26.89 34.12
C ALA B 22 -3.03 -26.24 34.60
N ALA B 23 -3.02 -25.76 35.86
CA ALA B 23 -1.81 -25.17 36.42
C ALA B 23 -0.65 -26.17 36.48
N GLU B 24 -0.95 -27.42 36.84
CA GLU B 24 0.08 -28.49 36.83
C GLU B 24 0.62 -28.70 35.42
N ARG B 25 -0.26 -28.77 34.43
CA ARG B 25 0.21 -28.97 33.06
C ARG B 25 1.10 -27.80 32.59
N TRP B 26 0.69 -26.58 32.92
CA TRP B 26 1.49 -25.42 32.57
C TRP B 26 2.89 -25.47 33.17
N GLU B 27 2.98 -25.85 34.44
CA GLU B 27 4.27 -25.94 35.11
C GLU B 27 5.14 -27.01 34.43
N SER B 28 4.53 -28.12 34.00
CA SER B 28 5.26 -29.13 33.23
C SER B 28 5.76 -28.58 31.90
N VAL B 29 4.93 -27.81 31.21
CA VAL B 29 5.35 -27.18 29.94
C VAL B 29 6.60 -26.34 30.14
N GLY B 30 6.57 -25.42 31.10
CA GLY B 30 7.75 -24.60 31.40
C GLY B 30 9.03 -25.40 31.60
N GLU B 31 8.94 -26.48 32.38
CA GLU B 31 10.08 -27.34 32.64
C GLU B 31 10.61 -27.96 31.37
N SER B 32 9.74 -28.48 30.52
CA SER B 32 10.18 -29.20 29.29
C SER B 32 10.81 -28.22 28.29
N LEU B 33 10.24 -27.02 28.18
CA LEU B 33 10.78 -26.00 27.29
C LEU B 33 12.17 -25.60 27.71
N ALA B 34 12.36 -25.39 29.00
CA ALA B 34 13.66 -25.06 29.54
C ALA B 34 14.72 -26.14 29.26
N THR B 35 14.31 -27.38 29.44
CA THR B 35 15.24 -28.49 29.21
C THR B 35 15.60 -28.55 27.72
N ALA B 36 14.60 -28.39 26.85
CA ALA B 36 14.87 -28.37 25.42
C ALA B 36 15.92 -27.31 25.05
N LEU B 37 15.83 -26.13 25.67
CA LEU B 37 16.72 -25.04 25.34
C LEU B 37 18.17 -25.35 25.70
N THR B 38 18.36 -26.09 26.79
CA THR B 38 19.70 -26.45 27.20
C THR B 38 20.46 -27.22 26.14
N HIS B 39 19.74 -27.98 25.30
CA HIS B 39 20.38 -28.79 24.26
C HIS B 39 20.73 -28.00 23.00
N LEU B 40 20.29 -26.75 22.87
CA LEU B 40 20.38 -26.00 21.65
C LEU B 40 21.31 -24.80 21.79
N LYS B 41 22.15 -24.78 22.82
CA LYS B 41 22.99 -23.60 23.09
C LYS B 41 24.31 -23.54 22.37
N SER B 42 24.93 -24.69 22.13
CA SER B 42 26.22 -24.74 21.43
C SER B 42 26.02 -24.90 19.93
N PRO B 43 27.02 -24.49 19.14
CA PRO B 43 26.98 -24.68 17.71
C PRO B 43 26.85 -26.16 17.32
N MET B 44 26.37 -26.40 16.12
CA MET B 44 26.25 -27.75 15.55
C MET B 44 26.97 -27.73 14.23
N HIS B 45 27.63 -28.84 13.91
CA HIS B 45 28.44 -28.94 12.72
C HIS B 45 28.22 -30.28 12.00
N ALA B 46 28.34 -30.22 10.69
CA ALA B 46 28.15 -31.38 9.84
C ALA B 46 29.57 -31.69 9.39
N GLY B 47 29.74 -32.52 8.40
CA GLY B 47 31.09 -32.60 7.75
C GLY B 47 32.28 -33.14 8.57
N ASP B 48 31.98 -33.59 9.77
CA ASP B 48 32.74 -34.60 10.45
C ASP B 48 31.67 -35.54 11.00
N GLU B 49 31.78 -36.86 10.78
CA GLU B 49 30.70 -37.76 11.22
C GLU B 49 30.45 -37.77 12.74
N GLU B 50 31.51 -37.64 13.54
CA GLU B 50 31.39 -37.55 14.98
C GLU B 50 30.64 -36.27 15.40
N GLU B 51 31.01 -35.13 14.82
CA GLU B 51 30.32 -33.86 15.10
C GLU B 51 28.84 -33.88 14.70
N ALA B 52 28.56 -34.42 13.53
CA ALA B 52 27.19 -34.55 13.08
C ALA B 52 26.39 -35.42 14.02
N ALA B 53 26.97 -36.57 14.44
CA ALA B 53 26.28 -37.48 15.34
C ALA B 53 25.99 -36.81 16.68
N ALA B 54 26.95 -36.03 17.17
CA ALA B 54 26.79 -35.27 18.41
C ALA B 54 25.63 -34.27 18.29
N ALA B 55 25.56 -33.59 17.15
CA ALA B 55 24.44 -32.69 16.87
C ALA B 55 23.11 -33.46 16.79
N ARG B 56 23.09 -34.62 16.12
CA ARG B 56 21.84 -35.36 16.02
C ARG B 56 21.33 -35.76 17.40
N THR B 57 22.23 -36.22 18.26
CA THR B 57 21.84 -36.63 19.59
C THR B 57 21.16 -35.47 20.35
N ARG B 58 21.79 -34.30 20.27
CA ARG B 58 21.22 -33.10 20.93
C ARG B 58 19.84 -32.76 20.40
N ILE B 59 19.71 -32.82 19.08
CA ILE B 59 18.45 -32.54 18.44
C ILE B 59 17.38 -33.52 18.90
N GLN B 60 17.71 -34.82 18.90
CA GLN B 60 16.80 -35.86 19.39
C GLN B 60 16.34 -35.61 20.81
N LEU B 61 17.26 -35.18 21.66
CA LEU B 61 16.93 -34.90 23.04
C LEU B 61 15.99 -33.68 23.12
N ALA B 62 16.33 -32.63 22.38
CA ALA B 62 15.49 -31.42 22.38
C ALA B 62 14.11 -31.72 21.84
N MET B 63 14.03 -32.53 20.79
N MET B 63 14.04 -32.52 20.78
CA MET B 63 12.76 -32.91 20.17
CA MET B 63 12.78 -32.90 20.17
C MET B 63 11.83 -33.65 21.14
C MET B 63 11.84 -33.66 21.12
N GLY B 64 12.41 -34.54 21.94
CA GLY B 64 11.61 -35.29 22.92
C GLY B 64 11.01 -34.35 23.97
N GLU B 65 11.81 -33.39 24.40
CA GLU B 65 11.36 -32.41 25.37
C GLU B 65 10.25 -31.52 24.76
N LEU B 66 10.38 -31.13 23.51
CA LEU B 66 9.34 -30.37 22.83
C LEU B 66 8.06 -31.18 22.63
N VAL B 67 8.17 -32.49 22.36
CA VAL B 67 7.00 -33.36 22.32
C VAL B 67 6.26 -33.34 23.66
N ASP B 68 7.00 -33.42 24.77
CA ASP B 68 6.39 -33.40 26.09
C ASP B 68 5.73 -32.02 26.30
N ALA B 69 6.40 -30.96 25.86
CA ALA B 69 5.82 -29.59 26.01
C ALA B 69 4.52 -29.44 25.22
N SER B 70 4.50 -29.94 23.99
CA SER B 70 3.30 -29.88 23.17
C SER B 70 2.15 -30.68 23.74
N ARG B 71 2.42 -31.91 24.20
CA ARG B 71 1.40 -32.74 24.86
C ARG B 71 0.78 -32.03 26.06
N ASN B 72 1.61 -31.51 26.93
CA ASN B 72 1.10 -30.79 28.11
C ASN B 72 0.41 -29.47 27.81
N LEU B 73 0.86 -28.78 26.78
CA LEU B 73 0.17 -27.59 26.30
C LEU B 73 -1.20 -27.94 25.75
N ALA B 74 -1.28 -29.03 24.97
CA ALA B 74 -2.58 -29.53 24.47
C ALA B 74 -3.53 -29.87 25.64
N SER B 75 -3.01 -30.50 26.69
CA SER B 75 -3.82 -30.83 27.84
C SER B 75 -4.27 -29.54 28.56
N ALA B 76 -3.37 -28.59 28.75
CA ALA B 76 -3.75 -27.32 29.39
C ALA B 76 -4.84 -26.61 28.61
N MET B 77 -4.69 -26.53 27.28
CA MET B 77 -5.74 -25.92 26.46
C MET B 77 -7.11 -26.59 26.64
N SER B 78 -7.14 -27.94 26.65
CA SER B 78 -8.39 -28.69 26.84
C SER B 78 -9.01 -28.44 28.22
N LEU B 79 -8.20 -28.49 29.25
CA LEU B 79 -8.68 -28.29 30.60
C LEU B 79 -9.25 -26.88 30.80
N MET B 80 -8.56 -25.88 30.26
CA MET B 80 -8.98 -24.48 30.38
C MET B 80 -10.27 -24.20 29.58
N LYS B 81 -10.38 -24.79 28.41
CA LYS B 81 -11.61 -24.65 27.60
C LYS B 81 -12.80 -25.35 28.24
N VAL B 82 -12.60 -26.58 28.72
CA VAL B 82 -13.66 -27.28 29.41
C VAL B 82 -14.10 -26.50 30.67
N ALA B 83 -13.15 -25.98 31.45
CA ALA B 83 -13.48 -25.18 32.62
C ALA B 83 -14.40 -24.02 32.20
N GLU B 84 -14.01 -23.32 31.14
CA GLU B 84 -14.83 -22.20 30.66
C GLU B 84 -16.25 -22.66 30.31
N LEU B 85 -16.37 -23.77 29.58
CA LEU B 85 -17.68 -24.28 29.18
C LEU B 85 -18.52 -24.69 30.37
N LEU B 86 -17.88 -25.29 31.38
CA LEU B 86 -18.57 -25.67 32.60
C LEU B 86 -19.21 -24.46 33.25
N ALA B 87 -18.49 -23.33 33.26
CA ALA B 87 -19.02 -22.08 33.83
C ALA B 87 -20.10 -21.43 32.98
N LEU B 88 -19.93 -21.37 31.66
CA LEU B 88 -20.93 -20.77 30.79
C LEU B 88 -22.29 -21.50 30.88
N HIS B 89 -22.23 -22.82 30.97
CA HIS B 89 -23.41 -23.64 31.13
C HIS B 89 -23.93 -23.67 32.58
N GLY B 90 -23.03 -23.95 33.52
CA GLY B 90 -23.37 -24.07 34.93
C GLY B 90 -23.89 -22.78 35.56
N GLY B 91 -23.32 -21.66 35.12
CA GLY B 91 -23.68 -20.35 35.66
C GLY B 91 -24.89 -19.70 35.03
N SER B 92 -25.42 -20.29 33.95
CA SER B 92 -26.64 -19.81 33.30
C SER B 92 -27.84 -19.98 34.23
N VAL B 93 -28.64 -18.92 34.36
CA VAL B 93 -29.89 -18.98 35.11
C VAL B 93 -30.91 -19.85 34.35
N ASN B 94 -30.82 -19.84 33.02
CA ASN B 94 -31.75 -20.54 32.12
C ASN B 94 -31.10 -21.85 31.72
N PRO B 95 -31.64 -22.99 32.20
CA PRO B 95 -31.08 -24.30 31.84
C PRO B 95 -31.04 -24.63 30.34
N SER B 96 -31.81 -23.93 29.52
CA SER B 96 -31.82 -24.13 28.06
C SER B 96 -30.79 -23.33 27.25
N THR B 97 -30.09 -22.39 27.88
CA THR B 97 -29.06 -21.60 27.21
C THR B 97 -27.81 -21.59 28.06
N HIS B 98 -26.75 -21.09 27.47
CA HIS B 98 -25.49 -20.91 28.16
C HIS B 98 -25.08 -19.46 27.98
N LEU B 99 -24.28 -18.97 28.91
CA LEU B 99 -23.81 -17.58 28.88
C LEU B 99 -22.95 -17.38 27.65
N GLY B 100 -23.08 -16.19 27.04
CA GLY B 100 -22.29 -15.84 25.84
C GLY B 100 -20.80 -15.73 26.11
N GLU B 101 -20.45 -15.35 27.33
CA GLU B 101 -19.06 -15.22 27.74
C GLU B 101 -18.93 -15.16 29.26
N ILE B 102 -17.71 -15.43 29.71
CA ILE B 102 -17.40 -15.59 31.13
C ILE B 102 -17.78 -14.37 31.97
N SER B 103 -17.59 -13.18 31.42
N SER B 103 -17.59 -13.19 31.41
CA SER B 103 -17.86 -11.94 32.13
CA SER B 103 -17.85 -11.91 32.09
C SER B 103 -19.32 -11.73 32.54
C SER B 103 -19.33 -11.69 32.49
N LEU B 104 -20.24 -12.45 31.89
CA LEU B 104 -21.67 -12.39 32.24
C LEU B 104 -22.06 -13.18 33.51
N LEU B 105 -21.14 -13.98 34.07
CA LEU B 105 -21.40 -14.68 35.32
C LEU B 105 -21.86 -13.73 36.40
N GLY B 106 -22.78 -14.16 37.25
CA GLY B 106 -23.22 -13.34 38.38
C GLY B 106 -22.17 -13.26 39.46
N ASP B 107 -22.36 -12.32 40.38
CA ASP B 107 -21.40 -12.11 41.47
C ASP B 107 -21.29 -13.25 42.47
N GLN B 108 -22.29 -14.13 42.55
CA GLN B 108 -22.17 -15.33 43.37
C GLN B 108 -21.09 -16.29 42.83
N TYR B 109 -20.69 -16.11 41.58
CA TYR B 109 -19.61 -16.86 40.93
C TYR B 109 -18.39 -15.99 40.67
N LEU B 110 -18.13 -14.99 41.53
CA LEU B 110 -16.97 -14.15 41.38
C LEU B 110 -15.66 -14.96 41.20
N ALA B 111 -15.52 -16.02 41.98
CA ALA B 111 -14.31 -16.81 41.97
C ALA B 111 -14.07 -17.41 40.58
N GLU B 112 -15.13 -17.98 40.01
CA GLU B 112 -15.07 -18.65 38.72
C GLU B 112 -14.96 -17.61 37.60
N ARG B 113 -15.60 -16.45 37.77
CA ARG B 113 -15.50 -15.39 36.78
C ARG B 113 -14.09 -14.81 36.71
N ASN B 114 -13.50 -14.56 37.88
CA ASN B 114 -12.09 -14.07 37.94
C ASN B 114 -11.15 -15.11 37.32
N ALA B 115 -11.35 -16.37 37.68
CA ALA B 115 -10.54 -17.46 37.11
C ALA B 115 -10.71 -17.49 35.60
N GLY B 116 -11.96 -17.50 35.15
CA GLY B 116 -12.27 -17.60 33.71
C GLY B 116 -11.65 -16.53 32.85
N ILE B 117 -11.63 -15.29 33.34
CA ILE B 117 -10.99 -14.18 32.64
C ILE B 117 -9.49 -14.48 32.41
N LYS B 118 -8.83 -15.00 33.44
CA LYS B 118 -7.42 -15.33 33.33
C LYS B 118 -7.23 -16.52 32.36
N LEU B 119 -8.12 -17.51 32.43
CA LEU B 119 -8.04 -18.69 31.57
C LEU B 119 -8.19 -18.35 30.10
N LEU B 120 -9.08 -17.41 29.80
CA LEU B 120 -9.21 -16.91 28.43
C LEU B 120 -7.91 -16.34 27.90
N GLU B 121 -7.21 -15.57 28.73
CA GLU B 121 -5.94 -14.99 28.30
C GLU B 121 -4.84 -16.07 28.22
N ALA B 122 -4.80 -16.98 29.20
CA ALA B 122 -3.85 -18.13 29.13
C ALA B 122 -4.06 -19.01 27.90
N GLY B 123 -5.32 -19.11 27.45
CA GLY B 123 -5.62 -19.79 26.18
C GLY B 123 -4.89 -19.17 25.00
N LYS B 124 -4.84 -17.84 24.96
CA LYS B 124 -4.04 -17.13 23.95
C LYS B 124 -2.53 -17.38 24.13
N ASP B 125 -2.06 -17.35 25.36
CA ASP B 125 -0.67 -17.68 25.63
C ASP B 125 -0.35 -19.10 25.10
N ALA B 126 -1.25 -20.06 25.37
CA ALA B 126 -1.01 -21.46 24.98
C ALA B 126 -0.96 -21.64 23.46
N ARG B 127 -1.86 -20.98 22.75
CA ARG B 127 -1.90 -21.06 21.27
C ARG B 127 -0.64 -20.43 20.66
N LYS B 128 -0.21 -19.29 21.21
CA LYS B 128 1.06 -18.69 20.81
C LYS B 128 2.27 -19.61 21.08
N ALA B 129 2.30 -20.21 22.27
CA ALA B 129 3.38 -21.12 22.64
C ALA B 129 3.42 -22.34 21.72
N TYR B 130 2.24 -22.86 21.43
CA TYR B 130 2.12 -24.08 20.62
C TYR B 130 2.67 -23.84 19.18
N ILE B 131 2.32 -22.70 18.61
CA ILE B 131 2.84 -22.24 17.31
C ILE B 131 4.35 -22.05 17.33
N SER B 132 4.87 -21.45 18.41
CA SER B 132 6.31 -21.25 18.52
C SER B 132 7.08 -22.56 18.68
N VAL B 133 6.54 -23.48 19.47
CA VAL B 133 7.13 -24.82 19.61
C VAL B 133 7.13 -25.55 18.26
N ASP B 134 6.03 -25.45 17.52
N ASP B 134 6.02 -25.49 17.52
CA ASP B 134 5.97 -26.07 16.19
CA ASP B 134 5.99 -26.15 16.20
C ASP B 134 7.03 -25.46 15.27
C ASP B 134 7.02 -25.48 15.24
N GLY B 135 7.21 -24.14 15.35
CA GLY B 135 8.27 -23.42 14.62
C GLY B 135 9.67 -24.00 14.99
N CYS B 136 9.93 -24.13 16.29
CA CYS B 136 11.20 -24.67 16.80
C CYS B 136 11.41 -26.09 16.26
N ARG B 137 10.36 -26.90 16.35
CA ARG B 137 10.45 -28.27 15.81
C ARG B 137 10.83 -28.26 14.34
N GLY B 138 10.27 -27.34 13.57
CA GLY B 138 10.57 -27.18 12.17
C GLY B 138 12.04 -26.85 11.93
N ASN B 139 12.60 -25.96 12.77
CA ASN B 139 14.00 -25.62 12.67
C ASN B 139 14.87 -26.85 13.00
N LEU B 140 14.45 -27.65 14.00
CA LEU B 140 15.19 -28.85 14.37
C LEU B 140 15.15 -29.91 13.26
N ASP B 141 14.01 -30.10 12.62
CA ASP B 141 13.88 -31.02 11.47
C ASP B 141 14.79 -30.56 10.30
N ALA B 142 14.84 -29.23 10.08
CA ALA B 142 15.66 -28.62 9.02
C ALA B 142 17.15 -28.90 9.27
N ILE B 143 17.59 -28.77 10.52
CA ILE B 143 18.98 -29.08 10.83
C ILE B 143 19.28 -30.57 10.59
N LEU B 144 18.36 -31.46 10.96
CA LEU B 144 18.55 -32.92 10.68
C LEU B 144 18.73 -33.19 9.19
N LEU B 145 17.97 -32.49 8.36
CA LEU B 145 18.14 -32.59 6.90
C LEU B 145 19.49 -32.09 6.43
N LEU B 146 19.88 -30.92 6.92
CA LEU B 146 21.18 -30.35 6.62
C LEU B 146 22.36 -31.25 7.04
N LEU B 147 22.27 -31.89 8.22
CA LEU B 147 23.31 -32.82 8.68
C LEU B 147 23.49 -34.01 7.72
N ASP B 148 22.42 -34.39 7.04
CA ASP B 148 22.46 -35.46 6.01
C ASP B 148 22.95 -35.02 4.64
N HIS B 149 23.26 -33.73 4.46
CA HIS B 149 23.78 -33.20 3.22
C HIS B 149 25.06 -32.41 3.48
N PRO B 150 26.08 -33.07 4.06
CA PRO B 150 27.31 -32.41 4.45
C PRO B 150 28.15 -31.76 3.34
N ARG B 151 27.93 -32.13 2.09
CA ARG B 151 28.65 -31.48 1.00
C ARG B 151 27.97 -30.22 0.44
N VAL B 152 26.81 -29.85 0.96
CA VAL B 152 26.17 -28.63 0.53
C VAL B 152 27.10 -27.46 0.89
N PRO B 153 27.43 -26.58 -0.08
CA PRO B 153 28.29 -25.45 0.27
C PRO B 153 27.62 -24.56 1.32
N CYS B 154 28.40 -24.16 2.31
CA CYS B 154 27.95 -23.32 3.42
C CYS B 154 26.94 -24.00 4.35
N VAL B 155 26.87 -25.34 4.32
CA VAL B 155 25.89 -26.07 5.16
C VAL B 155 26.01 -25.70 6.64
N ASP B 156 27.22 -25.52 7.15
N ASP B 156 27.24 -25.52 7.11
CA ASP B 156 27.33 -25.13 8.55
CA ASP B 156 27.53 -25.03 8.46
C ASP B 156 26.77 -23.71 8.83
C ASP B 156 26.78 -23.74 8.79
N ASP B 157 26.85 -22.80 7.84
CA ASP B 157 26.21 -21.50 7.97
C ASP B 157 24.68 -21.68 8.04
N PHE B 158 24.16 -22.59 7.21
CA PHE B 158 22.72 -22.87 7.17
C PHE B 158 22.25 -23.50 8.45
N ILE B 159 23.02 -24.45 8.96
CA ILE B 159 22.74 -25.00 10.28
C ILE B 159 22.69 -23.91 11.35
N GLU B 160 23.66 -23.01 11.37
N GLU B 160 23.70 -23.06 11.35
CA GLU B 160 23.62 -21.92 12.36
CA GLU B 160 23.72 -21.89 12.20
C GLU B 160 22.34 -21.09 12.22
C GLU B 160 22.36 -21.17 12.19
N GLU B 161 21.97 -20.73 10.95
CA GLU B 161 20.76 -19.87 10.71
C GLU B 161 19.52 -20.55 11.31
N GLU B 162 19.40 -21.84 11.06
CA GLU B 162 18.27 -22.61 11.62
C GLU B 162 18.35 -22.77 13.13
N LEU B 163 19.56 -22.96 13.67
CA LEU B 163 19.69 -23.13 15.11
C LEU B 163 19.37 -21.82 15.86
N PHE B 164 19.81 -20.73 15.28
CA PHE B 164 19.45 -19.41 15.78
C PHE B 164 17.94 -19.21 15.83
N VAL B 165 17.24 -19.55 14.76
CA VAL B 165 15.79 -19.35 14.71
C VAL B 165 15.12 -20.35 15.66
N ALA B 166 15.67 -21.58 15.73
CA ALA B 166 15.16 -22.54 16.73
C ALA B 166 15.14 -21.94 18.15
N GLY B 167 16.26 -21.35 18.53
CA GLY B 167 16.40 -20.72 19.83
C GLY B 167 15.49 -19.53 20.02
N ASP B 168 15.33 -18.74 18.97
CA ASP B 168 14.39 -17.62 19.01
C ASP B 168 12.93 -18.08 19.21
N ASN B 169 12.53 -19.09 18.43
CA ASN B 169 11.20 -19.65 18.57
C ASN B 169 10.98 -20.22 19.97
N LEU B 170 11.96 -20.97 20.46
CA LEU B 170 11.84 -21.56 21.79
C LEU B 170 11.79 -20.51 22.92
N GLN B 171 12.58 -19.46 22.82
CA GLN B 171 12.51 -18.39 23.82
C GLN B 171 11.16 -17.71 23.81
N GLY B 172 10.59 -17.57 22.62
CA GLY B 172 9.24 -17.06 22.47
C GLY B 172 8.24 -17.89 23.25
N ALA B 173 8.30 -19.20 23.05
CA ALA B 173 7.41 -20.13 23.74
C ALA B 173 7.60 -20.11 25.22
N ILE B 174 8.87 -20.04 25.65
CA ILE B 174 9.19 -19.94 27.06
C ILE B 174 8.52 -18.67 27.67
N GLY B 175 8.59 -17.55 26.95
CA GLY B 175 7.91 -16.29 27.40
C GLY B 175 6.40 -16.47 27.48
N ASN B 176 5.81 -17.10 26.47
CA ASN B 176 4.36 -17.38 26.48
C ASN B 176 3.95 -18.25 27.66
N ALA B 177 4.73 -19.31 27.92
CA ALA B 177 4.48 -20.21 29.03
C ALA B 177 4.65 -19.58 30.39
N LYS B 178 5.61 -18.70 30.54
CA LYS B 178 5.74 -17.96 31.81
C LYS B 178 4.44 -17.22 32.10
N LEU B 179 3.92 -16.52 31.11
CA LEU B 179 2.69 -15.73 31.29
C LEU B 179 1.48 -16.63 31.45
N GLY B 180 1.40 -17.70 30.63
CA GLY B 180 0.32 -18.63 30.76
C GLY B 180 0.27 -19.29 32.13
N THR B 181 1.44 -19.65 32.64
CA THR B 181 1.56 -20.29 33.94
C THR B 181 1.12 -19.35 35.06
N GLU B 182 1.59 -18.11 34.97
CA GLU B 182 1.23 -17.06 35.93
C GLU B 182 -0.28 -16.91 36.00
N ARG B 183 -0.92 -16.87 34.83
CA ARG B 183 -2.37 -16.76 34.74
C ARG B 183 -3.09 -17.98 35.30
N ALA B 184 -2.60 -19.18 34.99
CA ALA B 184 -3.25 -20.37 35.48
C ALA B 184 -3.12 -20.51 37.00
N VAL B 185 -1.96 -20.11 37.54
CA VAL B 185 -1.74 -20.14 38.98
C VAL B 185 -2.65 -19.09 39.63
N GLY B 186 -2.83 -17.93 38.98
CA GLY B 186 -3.76 -16.90 39.48
C GLY B 186 -5.19 -17.43 39.54
N ALA B 187 -5.60 -18.11 38.47
CA ALA B 187 -6.92 -18.74 38.42
C ALA B 187 -7.09 -19.82 39.49
N ARG B 188 -6.06 -20.62 39.72
CA ARG B 188 -6.09 -21.62 40.81
C ARG B 188 -6.40 -20.96 42.17
N GLN B 189 -5.70 -19.85 42.42
CA GLN B 189 -5.87 -19.05 43.64
C GLN B 189 -7.28 -18.47 43.75
N ASP B 190 -7.83 -17.99 42.63
CA ASP B 190 -9.20 -17.49 42.58
C ASP B 190 -10.23 -18.51 43.05
N VAL B 191 -10.04 -19.78 42.73
CA VAL B 191 -11.00 -20.81 43.16
C VAL B 191 -10.55 -21.70 44.32
N SER B 192 -9.49 -21.31 45.03
CA SER B 192 -8.89 -22.15 46.08
C SER B 192 -9.68 -22.12 47.40
N ALA C 8 -45.80 -6.80 8.01
CA ALA C 8 -44.84 -7.29 9.05
C ALA C 8 -44.65 -8.86 9.23
N GLU C 9 -45.17 -9.63 8.29
CA GLU C 9 -45.33 -11.04 8.49
C GLU C 9 -44.06 -11.79 8.12
N ALA C 10 -44.21 -13.08 7.90
CA ALA C 10 -43.09 -13.95 7.68
C ALA C 10 -42.20 -13.55 6.52
N TRP C 11 -42.78 -12.97 5.46
CA TRP C 11 -42.00 -12.64 4.29
C TRP C 11 -40.85 -11.71 4.63
N ARG C 12 -41.04 -10.85 5.63
CA ARG C 12 -39.97 -9.92 6.03
C ARG C 12 -38.73 -10.65 6.59
N SER C 13 -38.93 -11.73 7.31
CA SER C 13 -37.80 -12.56 7.77
C SER C 13 -37.16 -13.26 6.62
N ARG C 14 -37.96 -13.76 5.69
CA ARG C 14 -37.42 -14.41 4.48
C ARG C 14 -36.57 -13.41 3.67
N PHE C 15 -37.07 -12.17 3.53
CA PHE C 15 -36.36 -11.11 2.85
C PHE C 15 -35.01 -10.92 3.47
N ARG C 16 -35.00 -10.74 4.81
CA ARG C 16 -33.73 -10.52 5.53
C ARG C 16 -32.75 -11.67 5.29
N GLU C 17 -33.24 -12.89 5.42
CA GLU C 17 -32.40 -14.07 5.25
C GLU C 17 -31.73 -14.11 3.88
N ARG C 18 -32.50 -13.79 2.86
CA ARG C 18 -31.97 -13.78 1.48
C ARG C 18 -30.97 -12.67 1.27
N VAL C 19 -31.22 -11.50 1.84
CA VAL C 19 -30.26 -10.41 1.80
C VAL C 19 -28.94 -10.77 2.52
N VAL C 20 -29.05 -11.39 3.69
CA VAL C 20 -27.88 -11.81 4.45
C VAL C 20 -27.06 -12.78 3.61
N GLU C 21 -27.73 -13.76 3.01
CA GLU C 21 -27.04 -14.74 2.17
C GLU C 21 -26.45 -14.08 0.91
N ALA C 22 -27.17 -13.13 0.33
CA ALA C 22 -26.68 -12.43 -0.86
C ALA C 22 -25.34 -11.72 -0.56
N ALA C 23 -25.24 -11.07 0.60
CA ALA C 23 -24.01 -10.42 1.01
C ALA C 23 -22.84 -11.42 1.19
N GLU C 24 -23.14 -12.59 1.73
CA GLU C 24 -22.14 -13.64 1.85
C GLU C 24 -21.66 -14.07 0.45
N ARG C 25 -22.59 -14.26 -0.49
CA ARG C 25 -22.20 -14.62 -1.84
C ARG C 25 -21.34 -13.55 -2.48
N TRP C 26 -21.73 -12.29 -2.37
CA TRP C 26 -20.93 -11.19 -2.89
C TRP C 26 -19.50 -11.17 -2.32
N GLU C 27 -19.36 -11.37 -1.01
CA GLU C 27 -18.04 -11.49 -0.39
C GLU C 27 -17.19 -12.59 -1.04
N SER C 28 -17.79 -13.76 -1.24
CA SER C 28 -17.12 -14.87 -1.93
C SER C 28 -16.64 -14.50 -3.34
N VAL C 29 -17.49 -13.79 -4.07
CA VAL C 29 -17.14 -13.31 -5.43
C VAL C 29 -15.83 -12.54 -5.40
N GLY C 30 -15.77 -11.53 -4.51
CA GLY C 30 -14.60 -10.67 -4.40
C GLY C 30 -13.34 -11.49 -4.12
N GLU C 31 -13.45 -12.46 -3.23
CA GLU C 31 -12.30 -13.31 -2.89
C GLU C 31 -11.78 -14.11 -4.05
N SER C 32 -12.70 -14.77 -4.77
CA SER C 32 -12.33 -15.57 -5.97
C SER C 32 -11.72 -14.70 -7.08
N LEU C 33 -12.27 -13.52 -7.32
CA LEU C 33 -11.71 -12.64 -8.34
C LEU C 33 -10.30 -12.23 -7.99
N ALA C 34 -10.06 -11.91 -6.72
CA ALA C 34 -8.74 -11.51 -6.27
C ALA C 34 -7.75 -12.66 -6.46
N THR C 35 -8.19 -13.87 -6.13
CA THR C 35 -7.31 -15.04 -6.26
C THR C 35 -6.98 -15.29 -7.72
N ALA C 36 -8.00 -15.22 -8.59
CA ALA C 36 -7.77 -15.33 -10.04
C ALA C 36 -6.70 -14.38 -10.53
N LEU C 37 -6.74 -13.13 -10.07
CA LEU C 37 -5.77 -12.13 -10.53
C LEU C 37 -4.33 -12.47 -10.16
N THR C 38 -4.13 -13.10 -9.01
CA THR C 38 -2.77 -13.43 -8.54
C THR C 38 -2.04 -14.30 -9.57
N HIS C 39 -2.79 -15.11 -10.31
CA HIS C 39 -2.23 -16.00 -11.34
C HIS C 39 -1.81 -15.36 -12.67
N LEU C 40 -2.15 -14.10 -12.85
CA LEU C 40 -2.03 -13.41 -14.11
C LEU C 40 -1.00 -12.28 -14.03
N LYS C 41 -0.11 -12.32 -13.04
CA LYS C 41 0.78 -11.18 -12.81
C LYS C 41 2.09 -11.28 -13.59
N SER C 42 2.65 -12.47 -13.78
CA SER C 42 3.93 -12.59 -14.46
C SER C 42 3.75 -12.98 -15.94
N PRO C 43 4.76 -12.72 -16.77
CA PRO C 43 4.62 -12.99 -18.19
C PRO C 43 4.38 -14.48 -18.52
N MET C 44 3.79 -14.72 -19.68
CA MET C 44 3.59 -16.05 -20.23
C MET C 44 4.31 -16.12 -21.55
N HIS C 45 4.86 -17.31 -21.84
CA HIS C 45 5.71 -17.52 -23.02
C HIS C 45 5.30 -18.78 -23.74
N ALA C 46 5.39 -18.73 -25.07
CA ALA C 46 5.05 -19.85 -25.93
C ALA C 46 6.26 -20.48 -26.62
N GLY C 47 7.44 -19.88 -26.55
CA GLY C 47 8.62 -20.39 -27.31
C GLY C 47 9.33 -21.65 -26.85
N ASP C 48 8.89 -22.21 -25.72
CA ASP C 48 9.50 -23.39 -25.10
C ASP C 48 8.32 -24.19 -24.52
N GLU C 49 8.34 -25.52 -24.66
CA GLU C 49 7.18 -26.35 -24.23
C GLU C 49 6.92 -26.31 -22.71
N GLU C 50 7.98 -26.35 -21.91
CA GLU C 50 7.86 -26.21 -20.44
C GLU C 50 7.16 -24.89 -20.08
N GLU C 51 7.56 -23.79 -20.73
CA GLU C 51 7.03 -22.47 -20.44
C GLU C 51 5.57 -22.33 -20.86
N ALA C 52 5.23 -22.91 -21.99
CA ALA C 52 3.86 -22.93 -22.45
C ALA C 52 2.99 -23.73 -21.46
N ALA C 53 3.51 -24.87 -21.00
CA ALA C 53 2.79 -25.69 -20.03
C ALA C 53 2.55 -24.96 -18.71
N ALA C 54 3.58 -24.26 -18.22
CA ALA C 54 3.46 -23.43 -17.04
C ALA C 54 2.38 -22.35 -17.21
N ALA C 55 2.34 -21.71 -18.38
CA ALA C 55 1.31 -20.71 -18.69
C ALA C 55 -0.09 -21.36 -18.66
N ARG C 56 -0.23 -22.51 -19.32
CA ARG C 56 -1.51 -23.25 -19.34
C ARG C 56 -2.01 -23.63 -17.93
N THR C 57 -1.09 -24.08 -17.06
CA THR C 57 -1.46 -24.35 -15.68
C THR C 57 -2.01 -23.07 -15.00
N ARG C 58 -1.29 -21.97 -15.16
CA ARG C 58 -1.71 -20.71 -14.53
C ARG C 58 -3.10 -20.25 -15.02
N ILE C 59 -3.30 -20.41 -16.33
CA ILE C 59 -4.57 -20.08 -16.97
C ILE C 59 -5.66 -20.94 -16.38
N GLN C 60 -5.45 -22.25 -16.34
CA GLN C 60 -6.45 -23.13 -15.75
C GLN C 60 -6.77 -22.81 -14.27
N LEU C 61 -5.79 -22.42 -13.47
CA LEU C 61 -6.02 -22.03 -12.08
C LEU C 61 -6.88 -20.75 -11.99
N ALA C 62 -6.57 -19.76 -12.82
CA ALA C 62 -7.36 -18.53 -12.92
C ALA C 62 -8.78 -18.83 -13.34
N MET C 63 -8.91 -19.66 -14.38
N MET C 63 -8.92 -19.65 -14.38
CA MET C 63 -10.23 -20.04 -14.88
CA MET C 63 -10.23 -20.02 -14.89
C MET C 63 -11.08 -20.72 -13.81
C MET C 63 -11.08 -20.73 -13.83
N GLY C 64 -10.47 -21.57 -13.01
CA GLY C 64 -11.16 -22.25 -11.91
C GLY C 64 -11.68 -21.26 -10.88
N GLU C 65 -10.85 -20.29 -10.53
CA GLU C 65 -11.27 -19.17 -9.66
C GLU C 65 -12.40 -18.38 -10.27
N LEU C 66 -12.33 -18.12 -11.57
CA LEU C 66 -13.40 -17.40 -12.27
C LEU C 66 -14.71 -18.19 -12.35
N VAL C 67 -14.65 -19.52 -12.51
CA VAL C 67 -15.87 -20.34 -12.36
C VAL C 67 -16.52 -20.15 -10.96
N ASP C 68 -15.70 -20.12 -9.91
CA ASP C 68 -16.22 -19.98 -8.54
C ASP C 68 -16.84 -18.56 -8.41
N ALA C 69 -16.16 -17.55 -8.93
CA ALA C 69 -16.71 -16.19 -8.89
C ALA C 69 -18.03 -16.09 -9.62
N SER C 70 -18.10 -16.71 -10.80
CA SER C 70 -19.32 -16.66 -11.61
C SER C 70 -20.46 -17.40 -10.92
N ARG C 71 -20.20 -18.56 -10.33
CA ARG C 71 -21.23 -19.34 -9.61
C ARG C 71 -21.79 -18.52 -8.44
N ASN C 72 -20.90 -17.96 -7.64
CA ASN C 72 -21.33 -17.13 -6.52
C ASN C 72 -22.06 -15.85 -6.93
N LEU C 73 -21.67 -15.27 -8.05
CA LEU C 73 -22.33 -14.08 -8.54
C LEU C 73 -23.76 -14.40 -9.02
N ALA C 74 -23.89 -15.54 -9.71
CA ALA C 74 -25.19 -16.01 -10.16
C ALA C 74 -26.13 -16.27 -8.97
N SER C 75 -25.58 -16.85 -7.90
CA SER C 75 -26.39 -17.04 -6.69
C SER C 75 -26.76 -15.70 -6.07
N ALA C 76 -25.83 -14.76 -6.01
CA ALA C 76 -26.13 -13.43 -5.44
C ALA C 76 -27.26 -12.75 -6.23
N MET C 77 -27.18 -12.78 -7.57
CA MET C 77 -28.23 -12.23 -8.41
C MET C 77 -29.60 -12.87 -8.15
N SER C 78 -29.64 -14.19 -8.06
CA SER C 78 -30.87 -14.91 -7.75
C SER C 78 -31.46 -14.54 -6.37
N LEU C 79 -30.62 -14.57 -5.34
CA LEU C 79 -31.05 -14.25 -3.99
C LEU C 79 -31.62 -12.82 -3.92
N MET C 80 -30.96 -11.88 -4.59
CA MET C 80 -31.41 -10.47 -4.54
C MET C 80 -32.73 -10.32 -5.28
N LYS C 81 -32.92 -11.09 -6.37
CA LYS C 81 -34.15 -11.06 -7.11
C LYS C 81 -35.28 -11.68 -6.30
N VAL C 82 -35.02 -12.80 -5.64
CA VAL C 82 -36.06 -13.42 -4.82
C VAL C 82 -36.45 -12.48 -3.67
N ALA C 83 -35.47 -11.85 -3.03
CA ALA C 83 -35.74 -10.85 -1.99
C ALA C 83 -36.69 -9.79 -2.50
N GLU C 84 -36.37 -9.22 -3.64
CA GLU C 84 -37.24 -8.22 -4.25
C GLU C 84 -38.67 -8.74 -4.42
N LEU C 85 -38.81 -9.93 -5.02
CA LEU C 85 -40.13 -10.48 -5.27
C LEU C 85 -40.89 -10.77 -3.98
N LEU C 86 -40.19 -11.20 -2.92
CA LEU C 86 -40.85 -11.43 -1.67
C LEU C 86 -41.52 -10.14 -1.21
N ALA C 87 -40.86 -9.01 -1.43
CA ALA C 87 -41.39 -7.70 -1.00
C ALA C 87 -42.55 -7.22 -1.88
N LEU C 88 -42.40 -7.40 -3.19
CA LEU C 88 -43.41 -6.95 -4.13
C LEU C 88 -44.72 -7.72 -3.88
N HIS C 89 -44.61 -9.01 -3.58
N HIS C 89 -44.61 -9.02 -3.59
CA HIS C 89 -45.79 -9.80 -3.24
CA HIS C 89 -45.77 -9.84 -3.20
C HIS C 89 -46.27 -9.56 -1.80
C HIS C 89 -46.26 -9.50 -1.80
N GLY C 90 -45.34 -9.59 -0.84
CA GLY C 90 -45.69 -9.45 0.55
C GLY C 90 -46.23 -8.07 0.95
N GLY C 91 -45.75 -7.02 0.27
CA GLY C 91 -46.13 -5.66 0.58
C GLY C 91 -47.40 -5.22 -0.12
N SER C 92 -47.93 -6.06 -1.01
CA SER C 92 -49.15 -5.76 -1.73
C SER C 92 -50.37 -5.86 -0.83
N VAL C 93 -51.27 -4.88 -0.92
CA VAL C 93 -52.56 -4.93 -0.27
C VAL C 93 -53.47 -5.93 -1.00
N ASN C 94 -53.26 -6.11 -2.29
CA ASN C 94 -54.07 -7.02 -3.08
C ASN C 94 -53.38 -8.39 -3.17
N PRO C 95 -53.93 -9.43 -2.49
CA PRO C 95 -53.27 -10.76 -2.54
C PRO C 95 -53.15 -11.40 -3.93
N SER C 96 -54.02 -11.01 -4.86
CA SER C 96 -53.98 -11.51 -6.23
C SER C 96 -52.91 -10.89 -7.14
N THR C 97 -52.34 -9.75 -6.73
CA THR C 97 -51.32 -9.10 -7.53
C THR C 97 -50.14 -8.68 -6.65
N HIS C 98 -49.07 -8.33 -7.34
CA HIS C 98 -47.83 -7.90 -6.70
C HIS C 98 -47.62 -6.44 -7.07
N LEU C 99 -46.92 -5.71 -6.21
CA LEU C 99 -46.51 -4.34 -6.51
C LEU C 99 -45.68 -4.31 -7.76
N GLY C 100 -45.85 -3.26 -8.53
CA GLY C 100 -45.09 -3.11 -9.75
C GLY C 100 -43.60 -2.92 -9.58
N GLU C 101 -43.21 -2.24 -8.50
CA GLU C 101 -41.80 -2.01 -8.24
C GLU C 101 -41.60 -1.69 -6.77
N ILE C 102 -40.34 -1.80 -6.36
CA ILE C 102 -39.95 -1.62 -4.94
C ILE C 102 -40.36 -0.26 -4.38
N SER C 103 -40.22 0.77 -5.17
CA SER C 103 -40.63 2.14 -4.78
C SER C 103 -42.10 2.27 -4.42
N LEU C 104 -42.95 1.35 -4.87
CA LEU C 104 -44.35 1.38 -4.47
C LEU C 104 -44.66 0.76 -3.12
N LEU C 105 -43.67 0.23 -2.40
CA LEU C 105 -43.90 -0.23 -1.02
C LEU C 105 -44.36 0.92 -0.11
N GLY C 106 -45.31 0.65 0.75
CA GLY C 106 -45.75 1.62 1.76
C GLY C 106 -44.66 1.89 2.79
N ASP C 107 -44.81 3.01 3.48
CA ASP C 107 -43.80 3.49 4.41
C ASP C 107 -43.52 2.56 5.59
N GLN C 108 -44.47 1.71 5.93
CA GLN C 108 -44.26 0.72 6.98
C GLN C 108 -43.21 -0.27 6.60
N TYR C 109 -42.89 -0.35 5.30
CA TYR C 109 -41.84 -1.22 4.80
C TYR C 109 -40.58 -0.45 4.40
N LEU C 110 -40.33 0.69 5.06
CA LEU C 110 -39.17 1.53 4.75
C LEU C 110 -37.87 0.74 4.68
N ALA C 111 -37.66 -0.17 5.63
CA ALA C 111 -36.41 -0.93 5.69
C ALA C 111 -36.25 -1.75 4.43
N GLU C 112 -37.29 -2.48 4.03
CA GLU C 112 -37.20 -3.38 2.85
C GLU C 112 -37.14 -2.54 1.57
N ARG C 113 -37.80 -1.38 1.58
CA ARG C 113 -37.84 -0.49 0.43
C ARG C 113 -36.45 0.07 0.23
N ASN C 114 -35.82 0.55 1.31
CA ASN C 114 -34.42 1.02 1.21
C ASN C 114 -33.47 -0.11 0.77
N ALA C 115 -33.64 -1.27 1.37
CA ALA C 115 -32.84 -2.43 0.95
C ALA C 115 -33.03 -2.73 -0.52
N GLY C 116 -34.28 -2.76 -0.97
CA GLY C 116 -34.61 -3.12 -2.32
C GLY C 116 -33.98 -2.20 -3.36
N ILE C 117 -33.95 -0.89 -3.06
CA ILE C 117 -33.26 0.07 -3.88
C ILE C 117 -31.78 -0.27 -4.06
N LYS C 118 -31.12 -0.67 -2.97
CA LYS C 118 -29.75 -1.02 -3.02
C LYS C 118 -29.57 -2.38 -3.78
N LEU C 119 -30.49 -3.32 -3.62
CA LEU C 119 -30.41 -4.60 -4.33
C LEU C 119 -30.53 -4.40 -5.85
N LEU C 120 -31.40 -3.49 -6.28
CA LEU C 120 -31.53 -3.17 -7.69
C LEU C 120 -30.21 -2.57 -8.26
N GLU C 121 -29.60 -1.65 -7.50
N GLU C 121 -29.56 -1.67 -7.53
CA GLU C 121 -28.29 -1.08 -7.82
CA GLU C 121 -28.29 -1.16 -7.98
C GLU C 121 -27.23 -2.21 -7.89
C GLU C 121 -27.20 -2.25 -7.93
N ALA C 122 -27.21 -3.09 -6.89
CA ALA C 122 -26.28 -4.25 -6.88
C ALA C 122 -26.49 -5.18 -8.07
N GLY C 123 -27.74 -5.31 -8.55
CA GLY C 123 -28.01 -6.11 -9.77
C GLY C 123 -27.28 -5.52 -10.99
N LYS C 124 -27.22 -4.20 -11.05
CA LYS C 124 -26.46 -3.53 -12.08
C LYS C 124 -24.95 -3.76 -11.94
N ASP C 125 -24.44 -3.71 -10.72
CA ASP C 125 -23.04 -4.02 -10.46
C ASP C 125 -22.73 -5.47 -10.91
N ALA C 126 -23.64 -6.38 -10.63
CA ALA C 126 -23.45 -7.82 -10.95
C ALA C 126 -23.39 -8.04 -12.43
N ARG C 127 -24.29 -7.38 -13.15
CA ARG C 127 -24.33 -7.47 -14.63
C ARG C 127 -23.02 -6.94 -15.23
N LYS C 128 -22.49 -5.83 -14.69
CA LYS C 128 -21.18 -5.31 -15.13
C LYS C 128 -20.01 -6.24 -14.78
N ALA C 129 -20.04 -6.81 -13.57
CA ALA C 129 -19.02 -7.80 -13.19
C ALA C 129 -19.06 -9.03 -14.09
N TYR C 130 -20.25 -9.51 -14.41
CA TYR C 130 -20.44 -10.65 -15.32
C TYR C 130 -19.77 -10.40 -16.67
N ILE C 131 -20.02 -9.22 -17.21
CA ILE C 131 -19.45 -8.78 -18.49
C ILE C 131 -17.92 -8.70 -18.42
N SER C 132 -17.39 -8.13 -17.34
CA SER C 132 -15.94 -8.04 -17.19
C SER C 132 -15.28 -9.40 -17.01
N VAL C 133 -15.93 -10.30 -16.26
CA VAL C 133 -15.42 -11.68 -16.11
C VAL C 133 -15.41 -12.42 -17.44
N ASP C 134 -16.49 -12.27 -18.19
CA ASP C 134 -16.58 -12.88 -19.53
C ASP C 134 -15.46 -12.34 -20.46
N GLY C 135 -15.19 -11.03 -20.37
CA GLY C 135 -14.08 -10.38 -21.09
C GLY C 135 -12.73 -11.00 -20.70
N CYS C 136 -12.48 -11.08 -19.39
CA CYS C 136 -11.31 -11.76 -18.87
C CYS C 136 -11.15 -13.17 -19.46
N ARG C 137 -12.21 -13.97 -19.42
CA ARG C 137 -12.20 -15.33 -20.01
C ARG C 137 -11.83 -15.33 -21.47
N GLY C 138 -12.39 -14.38 -22.22
CA GLY C 138 -12.03 -14.19 -23.62
C GLY C 138 -10.54 -14.01 -23.80
N ASN C 139 -9.95 -13.14 -22.96
CA ASN C 139 -8.51 -12.91 -23.03
C ASN C 139 -7.70 -14.18 -22.73
N LEU C 140 -8.10 -14.90 -21.69
CA LEU C 140 -7.45 -16.17 -21.32
C LEU C 140 -7.57 -17.25 -22.41
N ASP C 141 -8.76 -17.36 -23.00
CA ASP C 141 -8.98 -18.26 -24.14
C ASP C 141 -8.08 -17.86 -25.34
N ALA C 142 -7.95 -16.55 -25.59
CA ALA C 142 -7.05 -16.03 -26.63
C ALA C 142 -5.57 -16.41 -26.39
N ILE C 143 -5.11 -16.30 -25.15
CA ILE C 143 -3.74 -16.74 -24.77
C ILE C 143 -3.59 -18.25 -25.03
N LEU C 144 -4.57 -19.06 -24.61
CA LEU C 144 -4.54 -20.51 -24.92
C LEU C 144 -4.40 -20.81 -26.43
N LEU C 145 -5.06 -20.02 -27.29
CA LEU C 145 -4.88 -20.18 -28.72
C LEU C 145 -3.50 -19.77 -29.15
N LEU C 146 -3.02 -18.63 -28.66
CA LEU C 146 -1.66 -18.16 -29.00
C LEU C 146 -0.58 -19.15 -28.59
N LEU C 147 -0.76 -19.82 -27.46
CA LEU C 147 0.19 -20.82 -26.99
C LEU C 147 0.29 -22.03 -27.93
N ASP C 148 -0.77 -22.28 -28.68
CA ASP C 148 -0.80 -23.33 -29.70
C ASP C 148 -0.34 -22.90 -31.10
N HIS C 149 0.16 -21.66 -31.24
CA HIS C 149 0.79 -21.16 -32.48
C HIS C 149 2.14 -20.54 -32.21
N PRO C 150 3.05 -21.34 -31.64
CA PRO C 150 4.34 -20.78 -31.27
C PRO C 150 5.18 -20.21 -32.44
N ARG C 151 4.88 -20.63 -33.69
CA ARG C 151 5.60 -20.10 -34.86
C ARG C 151 5.01 -18.81 -35.45
N VAL C 152 3.90 -18.32 -34.88
CA VAL C 152 3.39 -17.00 -35.28
C VAL C 152 4.41 -15.93 -34.90
N PRO C 153 4.85 -15.11 -35.87
CA PRO C 153 5.79 -14.03 -35.53
C PRO C 153 5.21 -13.08 -34.47
N CYS C 154 5.98 -12.81 -33.43
CA CYS C 154 5.58 -11.93 -32.32
C CYS C 154 4.50 -12.50 -31.42
N VAL C 155 4.30 -13.82 -31.46
CA VAL C 155 3.36 -14.52 -30.60
C VAL C 155 3.48 -14.13 -29.12
N ASP C 156 4.71 -13.98 -28.61
CA ASP C 156 4.86 -13.55 -27.21
C ASP C 156 4.40 -12.12 -26.95
N ASP C 157 4.53 -11.23 -27.94
CA ASP C 157 4.03 -9.86 -27.84
C ASP C 157 2.50 -9.88 -27.71
N PHE C 158 1.87 -10.76 -28.50
CA PHE C 158 0.40 -10.86 -28.51
C PHE C 158 -0.11 -11.47 -27.21
N ILE C 159 0.60 -12.45 -26.68
CA ILE C 159 0.26 -13.01 -25.38
C ILE C 159 0.30 -11.92 -24.30
N GLU C 160 1.37 -11.12 -24.28
CA GLU C 160 1.45 -9.97 -23.37
C GLU C 160 0.25 -9.02 -23.49
N GLU C 161 -0.13 -8.68 -24.73
CA GLU C 161 -1.26 -7.78 -25.00
C GLU C 161 -2.54 -8.36 -24.41
N GLU C 162 -2.78 -9.65 -24.64
CA GLU C 162 -3.98 -10.30 -24.12
C GLU C 162 -3.94 -10.45 -22.58
N LEU C 163 -2.79 -10.79 -22.02
CA LEU C 163 -2.66 -10.91 -20.57
C LEU C 163 -2.89 -9.57 -19.84
N PHE C 164 -2.40 -8.50 -20.45
CA PHE C 164 -2.62 -7.16 -19.93
C PHE C 164 -4.13 -6.85 -19.84
N VAL C 165 -4.86 -7.18 -20.91
CA VAL C 165 -6.27 -6.87 -20.98
C VAL C 165 -7.05 -7.81 -20.05
N ALA C 166 -6.58 -9.06 -19.94
CA ALA C 166 -7.11 -9.98 -18.95
C ALA C 166 -7.13 -9.39 -17.54
N GLY C 167 -6.01 -8.80 -17.16
CA GLY C 167 -5.85 -8.19 -15.85
C GLY C 167 -6.70 -6.95 -15.71
N ASP C 168 -6.81 -6.19 -16.78
CA ASP C 168 -7.65 -4.98 -16.79
C ASP C 168 -9.14 -5.32 -16.64
N ASN C 169 -9.60 -6.32 -17.39
CA ASN C 169 -10.97 -6.79 -17.25
C ASN C 169 -11.24 -7.33 -15.84
N LEU C 170 -10.30 -8.10 -15.30
CA LEU C 170 -10.47 -8.63 -13.98
C LEU C 170 -10.49 -7.52 -12.91
N GLN C 171 -9.63 -6.51 -13.04
CA GLN C 171 -9.64 -5.38 -12.09
C GLN C 171 -11.01 -4.66 -12.16
N GLY C 172 -11.55 -4.57 -13.37
CA GLY C 172 -12.90 -4.04 -13.65
C GLY C 172 -13.95 -4.81 -12.88
N ALA C 173 -13.87 -6.13 -12.96
CA ALA C 173 -14.81 -6.99 -12.25
C ALA C 173 -14.67 -6.82 -10.72
N ILE C 174 -13.42 -6.76 -10.24
CA ILE C 174 -13.12 -6.58 -8.83
C ILE C 174 -13.80 -5.28 -8.35
N GLY C 175 -13.66 -4.20 -9.10
CA GLY C 175 -14.31 -2.92 -8.74
C GLY C 175 -15.84 -3.03 -8.72
N ASN C 176 -16.43 -3.71 -9.71
CA ASN C 176 -17.89 -3.92 -9.75
C ASN C 176 -18.32 -4.75 -8.55
N ALA C 177 -17.57 -5.81 -8.21
CA ALA C 177 -17.89 -6.61 -7.04
C ALA C 177 -17.74 -5.86 -5.72
N LYS C 178 -16.76 -4.96 -5.61
CA LYS C 178 -16.59 -4.15 -4.40
C LYS C 178 -17.85 -3.30 -4.18
N LEU C 179 -18.37 -2.71 -5.26
CA LEU C 179 -19.56 -1.87 -5.19
C LEU C 179 -20.83 -2.69 -4.91
N GLY C 180 -20.99 -3.83 -5.59
CA GLY C 180 -22.11 -4.72 -5.34
C GLY C 180 -22.12 -5.21 -3.92
N THR C 181 -20.95 -5.57 -3.40
CA THR C 181 -20.83 -6.05 -2.05
C THR C 181 -21.18 -4.93 -1.05
N GLU C 182 -20.73 -3.72 -1.31
CA GLU C 182 -21.03 -2.58 -0.43
C GLU C 182 -22.54 -2.34 -0.38
N ARG C 183 -23.18 -2.42 -1.55
CA ARG C 183 -24.65 -2.28 -1.63
C ARG C 183 -25.39 -3.41 -0.92
N ALA C 184 -24.96 -4.66 -1.11
CA ALA C 184 -25.59 -5.79 -0.44
C ALA C 184 -25.46 -5.71 1.09
N VAL C 185 -24.29 -5.28 1.55
CA VAL C 185 -24.04 -5.06 2.97
C VAL C 185 -24.91 -3.93 3.52
N GLY C 186 -25.06 -2.85 2.74
CA GLY C 186 -25.95 -1.75 3.11
C GLY C 186 -27.42 -2.19 3.15
N ALA C 187 -27.85 -3.06 2.21
CA ALA C 187 -29.18 -3.63 2.26
C ALA C 187 -29.37 -4.50 3.49
N ARG C 188 -28.36 -5.31 3.83
CA ARG C 188 -28.42 -6.12 5.03
C ARG C 188 -28.60 -5.21 6.26
N GLN C 189 -27.82 -4.13 6.33
CA GLN C 189 -27.89 -3.19 7.45
C GLN C 189 -29.28 -2.54 7.53
N ASP C 190 -29.87 -2.22 6.38
CA ASP C 190 -31.26 -1.68 6.32
C ASP C 190 -32.28 -2.57 7.01
N VAL C 191 -32.16 -3.89 6.83
CA VAL C 191 -33.09 -4.81 7.46
C VAL C 191 -32.59 -5.49 8.75
N SER C 192 -31.46 -5.05 9.32
CA SER C 192 -30.85 -5.74 10.48
C SER C 192 -30.77 -4.84 11.70
N ALA D 8 2.26 -36.43 0.79
CA ALA D 8 2.67 -36.12 2.20
C ALA D 8 2.10 -34.74 2.63
N GLU D 9 2.38 -34.28 3.86
CA GLU D 9 1.64 -33.14 4.45
C GLU D 9 2.46 -32.05 5.12
N ALA D 10 2.95 -32.29 6.34
CA ALA D 10 3.48 -31.22 7.19
C ALA D 10 4.66 -30.43 6.62
N TRP D 11 5.47 -31.11 5.81
CA TRP D 11 6.60 -30.48 5.15
C TRP D 11 6.17 -29.37 4.19
N ARG D 12 5.00 -29.49 3.60
CA ARG D 12 4.54 -28.55 2.58
C ARG D 12 4.29 -27.15 3.16
N SER D 13 3.75 -27.11 4.36
CA SER D 13 3.62 -25.86 5.11
C SER D 13 4.98 -25.27 5.48
N ARG D 14 5.92 -26.12 5.90
CA ARG D 14 7.27 -25.67 6.29
C ARG D 14 8.06 -25.17 5.07
N PHE D 15 7.90 -25.85 3.93
CA PHE D 15 8.38 -25.36 2.63
C PHE D 15 7.84 -23.96 2.33
N ARG D 16 6.53 -23.82 2.40
CA ARG D 16 5.89 -22.54 2.12
C ARG D 16 6.41 -21.42 3.02
N GLU D 17 6.55 -21.67 4.33
CA GLU D 17 7.03 -20.64 5.25
C GLU D 17 8.40 -20.13 4.87
N ARG D 18 9.25 -21.05 4.46
CA ARG D 18 10.61 -20.69 4.06
C ARG D 18 10.72 -19.96 2.71
N VAL D 19 9.85 -20.30 1.77
CA VAL D 19 9.76 -19.53 0.50
C VAL D 19 9.28 -18.10 0.79
N VAL D 20 8.24 -17.98 1.61
CA VAL D 20 7.73 -16.65 1.97
C VAL D 20 8.86 -15.82 2.61
N GLU D 21 9.58 -16.42 3.58
CA GLU D 21 10.63 -15.67 4.25
C GLU D 21 11.82 -15.36 3.34
N ALA D 22 12.17 -16.30 2.47
CA ALA D 22 13.20 -16.04 1.48
C ALA D 22 12.88 -14.81 0.59
N ALA D 23 11.64 -14.70 0.14
CA ALA D 23 11.25 -13.53 -0.66
C ALA D 23 11.46 -12.22 0.13
N GLU D 24 11.12 -12.25 1.42
CA GLU D 24 11.36 -11.09 2.30
C GLU D 24 12.83 -10.69 2.40
N ARG D 25 13.69 -11.72 2.55
CA ARG D 25 15.12 -11.52 2.60
C ARG D 25 15.65 -10.94 1.31
N TRP D 26 15.23 -11.53 0.18
CA TRP D 26 15.60 -11.02 -1.14
C TRP D 26 15.22 -9.53 -1.32
N GLU D 27 14.02 -9.15 -0.93
CA GLU D 27 13.61 -7.74 -1.01
C GLU D 27 14.52 -6.82 -0.18
N SER D 28 14.97 -7.27 0.99
CA SER D 28 15.92 -6.48 1.77
C SER D 28 17.26 -6.34 1.07
N VAL D 29 17.72 -7.40 0.39
CA VAL D 29 19.00 -7.35 -0.32
C VAL D 29 19.03 -6.23 -1.36
N GLY D 30 18.01 -6.16 -2.20
CA GLY D 30 17.93 -5.18 -3.28
C GLY D 30 17.94 -3.75 -2.80
N GLU D 31 17.27 -3.50 -1.69
CA GLU D 31 17.22 -2.17 -1.09
C GLU D 31 18.60 -1.80 -0.58
N SER D 32 19.27 -2.72 0.11
CA SER D 32 20.62 -2.45 0.65
C SER D 32 21.64 -2.18 -0.44
N LEU D 33 21.65 -3.01 -1.50
CA LEU D 33 22.58 -2.83 -2.62
C LEU D 33 22.39 -1.49 -3.33
N ALA D 34 21.12 -1.12 -3.55
CA ALA D 34 20.82 0.17 -4.17
C ALA D 34 21.38 1.33 -3.36
N THR D 35 21.23 1.26 -2.04
CA THR D 35 21.69 2.35 -1.15
C THR D 35 23.22 2.41 -1.11
N ALA D 36 23.88 1.24 -1.09
CA ALA D 36 25.34 1.20 -1.14
C ALA D 36 25.83 1.94 -2.37
N LEU D 37 25.21 1.69 -3.54
CA LEU D 37 25.66 2.28 -4.79
C LEU D 37 25.59 3.82 -4.82
N THR D 38 24.63 4.41 -4.10
CA THR D 38 24.50 5.88 -4.02
C THR D 38 25.75 6.54 -3.42
N HIS D 39 26.45 5.80 -2.56
CA HIS D 39 27.65 6.31 -1.92
C HIS D 39 28.91 6.21 -2.78
N LEU D 40 28.86 5.52 -3.92
CA LEU D 40 30.06 5.24 -4.73
C LEU D 40 30.06 5.93 -6.10
N LYS D 41 29.25 6.98 -6.24
CA LYS D 41 28.98 7.63 -7.53
C LYS D 41 30.05 8.67 -7.94
N SER D 42 30.51 9.49 -7.00
CA SER D 42 31.43 10.57 -7.33
C SER D 42 32.88 10.14 -7.06
N PRO D 43 33.87 10.86 -7.67
CA PRO D 43 35.29 10.60 -7.41
C PRO D 43 35.67 10.67 -5.95
N MET D 44 36.72 9.94 -5.58
CA MET D 44 37.32 10.00 -4.24
C MET D 44 38.78 10.44 -4.38
N HIS D 45 39.25 11.22 -3.41
CA HIS D 45 40.56 11.87 -3.48
C HIS D 45 41.30 11.73 -2.16
N ALA D 46 42.61 11.46 -2.26
CA ALA D 46 43.47 11.24 -1.09
C ALA D 46 44.37 12.43 -0.69
N GLY D 47 44.55 13.41 -1.57
CA GLY D 47 45.61 14.44 -1.40
C GLY D 47 45.32 15.52 -0.36
N ASP D 48 44.06 15.68 0.02
CA ASP D 48 43.57 16.69 0.95
C ASP D 48 42.85 15.97 2.08
N GLU D 49 43.19 16.28 3.32
CA GLU D 49 42.64 15.56 4.49
C GLU D 49 41.10 15.55 4.52
N GLU D 50 40.49 16.70 4.21
CA GLU D 50 39.03 16.78 4.24
C GLU D 50 38.36 15.88 3.19
N GLU D 51 38.89 15.90 1.97
CA GLU D 51 38.41 15.03 0.89
C GLU D 51 38.64 13.55 1.19
N ALA D 52 39.78 13.22 1.80
CA ALA D 52 40.07 11.86 2.26
C ALA D 52 39.08 11.41 3.34
N ALA D 53 38.86 12.25 4.35
CA ALA D 53 37.89 11.96 5.39
C ALA D 53 36.49 11.83 4.78
N ALA D 54 36.18 12.66 3.77
CA ALA D 54 34.89 12.58 3.08
C ALA D 54 34.72 11.22 2.36
N ALA D 55 35.80 10.73 1.74
CA ALA D 55 35.74 9.43 1.06
C ALA D 55 35.57 8.26 2.04
N ARG D 56 36.37 8.25 3.11
CA ARG D 56 36.22 7.26 4.20
C ARG D 56 34.81 7.21 4.78
N THR D 57 34.19 8.37 4.96
CA THR D 57 32.82 8.40 5.44
C THR D 57 31.87 7.66 4.47
N ARG D 58 32.00 7.97 3.18
CA ARG D 58 31.14 7.38 2.16
C ARG D 58 31.36 5.88 2.11
N ILE D 59 32.61 5.47 2.27
CA ILE D 59 32.98 4.05 2.23
C ILE D 59 32.37 3.33 3.43
N GLN D 60 32.51 3.90 4.63
CA GLN D 60 31.89 3.27 5.80
C GLN D 60 30.35 3.17 5.65
N LEU D 61 29.70 4.17 5.04
CA LEU D 61 28.24 4.09 4.77
C LEU D 61 27.94 2.93 3.81
N ALA D 62 28.69 2.87 2.71
CA ALA D 62 28.53 1.78 1.72
C ALA D 62 28.77 0.41 2.35
N MET D 63 29.84 0.30 3.14
N MET D 63 29.85 0.31 3.14
CA MET D 63 30.18 -0.96 3.81
CA MET D 63 30.21 -0.92 3.82
C MET D 63 29.07 -1.45 4.72
C MET D 63 29.07 -1.44 4.71
N GLY D 64 28.45 -0.54 5.47
CA GLY D 64 27.29 -0.87 6.33
C GLY D 64 26.15 -1.50 5.53
N GLU D 65 25.82 -0.89 4.40
CA GLU D 65 24.76 -1.37 3.53
C GLU D 65 25.14 -2.74 2.94
N LEU D 66 26.41 -2.91 2.58
CA LEU D 66 26.89 -4.18 2.05
C LEU D 66 26.88 -5.32 3.06
N VAL D 67 27.14 -4.99 4.33
CA VAL D 67 27.03 -5.96 5.43
C VAL D 67 25.58 -6.44 5.57
N ASP D 68 24.63 -5.51 5.51
CA ASP D 68 23.20 -5.86 5.55
C ASP D 68 22.86 -6.78 4.39
N ALA D 69 23.33 -6.42 3.19
CA ALA D 69 23.05 -7.19 1.99
C ALA D 69 23.59 -8.59 2.09
N SER D 70 24.83 -8.72 2.55
CA SER D 70 25.45 -10.05 2.73
C SER D 70 24.72 -10.90 3.74
N ARG D 71 24.31 -10.33 4.86
CA ARG D 71 23.56 -11.06 5.89
C ARG D 71 22.23 -11.57 5.33
N ASN D 72 21.51 -10.70 4.63
CA ASN D 72 20.25 -11.08 4.04
C ASN D 72 20.39 -12.07 2.89
N LEU D 73 21.45 -11.95 2.09
CA LEU D 73 21.71 -12.96 1.03
C LEU D 73 22.03 -14.29 1.67
N ALA D 74 22.80 -14.28 2.76
CA ALA D 74 23.12 -15.52 3.45
C ALA D 74 21.86 -16.19 4.04
N SER D 75 20.93 -15.42 4.59
CA SER D 75 19.67 -16.01 5.09
C SER D 75 18.82 -16.55 3.95
N ALA D 76 18.71 -15.76 2.87
CA ALA D 76 17.97 -16.18 1.70
C ALA D 76 18.49 -17.52 1.18
N MET D 77 19.81 -17.64 1.11
CA MET D 77 20.44 -18.92 0.62
C MET D 77 20.10 -20.11 1.50
N SER D 78 20.15 -19.88 2.80
CA SER D 78 19.83 -20.90 3.77
C SER D 78 18.37 -21.31 3.68
N LEU D 79 17.47 -20.33 3.64
CA LEU D 79 16.05 -20.62 3.57
C LEU D 79 15.67 -21.40 2.30
N MET D 80 16.25 -21.02 1.18
CA MET D 80 15.94 -21.67 -0.09
C MET D 80 16.49 -23.10 -0.15
N LYS D 81 17.67 -23.31 0.42
CA LYS D 81 18.27 -24.65 0.47
C LYS D 81 17.45 -25.58 1.37
N VAL D 82 17.04 -25.08 2.53
CA VAL D 82 16.20 -25.85 3.43
C VAL D 82 14.87 -26.18 2.80
N ALA D 83 14.25 -25.21 2.12
CA ALA D 83 13.04 -25.50 1.39
C ALA D 83 13.27 -26.67 0.41
N GLU D 84 14.33 -26.58 -0.38
CA GLU D 84 14.64 -27.64 -1.35
C GLU D 84 14.77 -29.02 -0.64
N LEU D 85 15.50 -29.06 0.47
CA LEU D 85 15.67 -30.32 1.20
C LEU D 85 14.34 -30.88 1.77
N LEU D 86 13.50 -30.01 2.32
CA LEU D 86 12.16 -30.46 2.80
C LEU D 86 11.39 -31.15 1.69
N ALA D 87 11.51 -30.61 0.47
CA ALA D 87 10.77 -31.16 -0.68
C ALA D 87 11.40 -32.46 -1.16
N LEU D 88 12.73 -32.53 -1.20
CA LEU D 88 13.39 -33.77 -1.66
C LEU D 88 13.09 -34.92 -0.70
N HIS D 89 13.05 -34.64 0.60
CA HIS D 89 12.71 -35.69 1.61
C HIS D 89 11.23 -35.93 1.71
N GLY D 90 10.45 -34.84 1.76
CA GLY D 90 9.00 -34.95 1.89
C GLY D 90 8.29 -35.58 0.69
N GLY D 91 8.82 -35.35 -0.52
CA GLY D 91 8.22 -35.85 -1.74
C GLY D 91 8.71 -37.21 -2.15
N SER D 92 9.61 -37.81 -1.36
CA SER D 92 10.15 -39.13 -1.64
C SER D 92 9.07 -40.15 -1.29
N VAL D 93 8.87 -41.13 -2.16
CA VAL D 93 7.95 -42.23 -1.89
C VAL D 93 8.58 -43.16 -0.82
N ASN D 94 9.86 -43.47 -0.99
CA ASN D 94 10.64 -44.21 -0.02
C ASN D 94 11.04 -43.33 1.19
N PRO D 95 10.45 -43.61 2.36
CA PRO D 95 10.67 -42.90 3.64
C PRO D 95 12.14 -42.82 4.10
N SER D 96 12.97 -43.81 3.74
CA SER D 96 14.39 -43.82 4.13
C SER D 96 15.37 -43.12 3.14
N THR D 97 14.86 -42.70 1.97
CA THR D 97 15.67 -42.05 0.90
C THR D 97 15.08 -40.65 0.58
N HIS D 98 15.82 -39.88 -0.22
CA HIS D 98 15.32 -38.59 -0.72
C HIS D 98 15.33 -38.61 -2.23
N LEU D 99 14.51 -37.76 -2.85
CA LEU D 99 14.54 -37.55 -4.29
C LEU D 99 15.86 -36.97 -4.69
N GLY D 100 16.42 -37.41 -5.82
CA GLY D 100 17.69 -36.89 -6.27
C GLY D 100 17.66 -35.40 -6.61
N GLU D 101 16.52 -34.90 -7.07
CA GLU D 101 16.43 -33.53 -7.50
C GLU D 101 15.00 -33.07 -7.57
N ILE D 102 14.82 -31.76 -7.46
CA ILE D 102 13.49 -31.17 -7.41
C ILE D 102 12.57 -31.59 -8.56
N SER D 103 13.13 -31.67 -9.75
CA SER D 103 12.36 -31.97 -10.94
C SER D 103 11.78 -33.39 -10.96
N LEU D 104 12.18 -34.27 -10.01
CA LEU D 104 11.57 -35.61 -9.89
C LEU D 104 10.31 -35.62 -8.98
N LEU D 105 9.97 -34.49 -8.37
CA LEU D 105 8.75 -34.40 -7.59
C LEU D 105 7.54 -34.74 -8.44
N GLY D 106 6.59 -35.44 -7.83
CA GLY D 106 5.39 -35.87 -8.54
C GLY D 106 4.45 -34.72 -8.80
N ASP D 107 3.57 -34.88 -9.79
CA ASP D 107 2.64 -33.80 -10.14
C ASP D 107 1.70 -33.41 -9.01
N GLN D 108 1.45 -34.31 -8.05
CA GLN D 108 0.71 -33.91 -6.83
C GLN D 108 1.40 -32.77 -6.07
N TYR D 109 2.72 -32.63 -6.24
CA TYR D 109 3.48 -31.53 -5.63
C TYR D 109 3.88 -30.49 -6.69
N LEU D 110 3.04 -30.28 -7.70
CA LEU D 110 3.36 -29.36 -8.77
C LEU D 110 3.74 -27.97 -8.24
N ALA D 111 3.01 -27.50 -7.23
CA ALA D 111 3.27 -26.17 -6.68
C ALA D 111 4.69 -26.06 -6.10
N GLU D 112 5.09 -27.08 -5.33
CA GLU D 112 6.41 -27.09 -4.71
C GLU D 112 7.49 -27.32 -5.74
N ARG D 113 7.20 -28.14 -6.76
CA ARG D 113 8.17 -28.39 -7.82
C ARG D 113 8.43 -27.09 -8.59
N ASN D 114 7.36 -26.41 -8.97
CA ASN D 114 7.50 -25.11 -9.67
C ASN D 114 8.27 -24.13 -8.82
N ALA D 115 7.98 -24.08 -7.53
CA ALA D 115 8.71 -23.15 -6.65
C ALA D 115 10.16 -23.57 -6.55
N GLY D 116 10.39 -24.86 -6.38
CA GLY D 116 11.74 -25.35 -6.18
C GLY D 116 12.65 -25.09 -7.37
N ILE D 117 12.10 -25.23 -8.56
CA ILE D 117 12.82 -24.91 -9.79
C ILE D 117 13.32 -23.46 -9.77
N LYS D 118 12.43 -22.56 -9.39
CA LYS D 118 12.80 -21.14 -9.27
C LYS D 118 13.86 -20.92 -8.18
N LEU D 119 13.71 -21.60 -7.03
CA LEU D 119 14.65 -21.45 -5.95
C LEU D 119 16.05 -21.98 -6.29
N LEU D 120 16.13 -23.05 -7.08
CA LEU D 120 17.44 -23.52 -7.51
C LEU D 120 18.14 -22.46 -8.34
N GLU D 121 17.43 -21.83 -9.27
CA GLU D 121 18.01 -20.76 -10.05
C GLU D 121 18.33 -19.55 -9.15
N ALA D 122 17.41 -19.20 -8.24
CA ALA D 122 17.65 -18.06 -7.32
C ALA D 122 18.90 -18.31 -6.42
N GLY D 123 19.14 -19.57 -6.09
CA GLY D 123 20.39 -19.95 -5.42
C GLY D 123 21.64 -19.58 -6.20
N LYS D 124 21.62 -19.79 -7.51
CA LYS D 124 22.76 -19.38 -8.36
C LYS D 124 22.88 -17.87 -8.38
N ASP D 125 21.75 -17.17 -8.49
CA ASP D 125 21.75 -15.70 -8.42
C ASP D 125 22.38 -15.21 -7.13
N ALA D 126 22.01 -15.83 -6.03
CA ALA D 126 22.49 -15.42 -4.73
C ALA D 126 23.97 -15.66 -4.58
N ARG D 127 24.48 -16.79 -5.05
CA ARG D 127 25.91 -17.06 -4.97
C ARG D 127 26.72 -16.06 -5.79
N LYS D 128 26.23 -15.70 -6.99
CA LYS D 128 26.89 -14.71 -7.83
C LYS D 128 26.83 -13.36 -7.13
N ALA D 129 25.68 -13.02 -6.56
CA ALA D 129 25.57 -11.69 -5.88
C ALA D 129 26.48 -11.62 -4.68
N TYR D 130 26.58 -12.74 -3.95
CA TYR D 130 27.40 -12.79 -2.75
C TYR D 130 28.88 -12.56 -3.07
N ILE D 131 29.40 -13.26 -4.10
CA ILE D 131 30.75 -13.08 -4.64
C ILE D 131 31.07 -11.64 -5.12
N SER D 132 30.14 -11.06 -5.88
CA SER D 132 30.29 -9.70 -6.36
C SER D 132 30.23 -8.67 -5.21
N VAL D 133 29.39 -8.90 -4.20
CA VAL D 133 29.40 -8.04 -3.02
C VAL D 133 30.75 -8.12 -2.28
N ASP D 134 31.28 -9.34 -2.14
N ASP D 134 31.27 -9.34 -2.14
CA ASP D 134 32.63 -9.50 -1.55
CA ASP D 134 32.62 -9.54 -1.55
C ASP D 134 33.70 -8.80 -2.40
C ASP D 134 33.74 -8.90 -2.40
N GLY D 135 33.60 -8.93 -3.72
CA GLY D 135 34.48 -8.21 -4.68
C GLY D 135 34.44 -6.70 -4.41
N CYS D 136 33.23 -6.16 -4.35
CA CYS D 136 33.01 -4.74 -4.06
C CYS D 136 33.62 -4.36 -2.71
N ARG D 137 33.33 -5.15 -1.67
CA ARG D 137 33.96 -4.95 -0.35
C ARG D 137 35.52 -4.90 -0.42
N GLY D 138 36.11 -5.78 -1.23
CA GLY D 138 37.53 -5.76 -1.46
C GLY D 138 38.03 -4.47 -2.12
N ASN D 139 37.22 -3.91 -3.04
CA ASN D 139 37.61 -2.70 -3.73
C ASN D 139 37.57 -1.53 -2.71
N LEU D 140 36.54 -1.52 -1.87
CA LEU D 140 36.43 -0.49 -0.83
C LEU D 140 37.57 -0.59 0.17
N ASP D 141 37.90 -1.81 0.60
CA ASP D 141 39.06 -2.03 1.48
C ASP D 141 40.35 -1.50 0.84
N ALA D 142 40.53 -1.74 -0.46
CA ALA D 142 41.71 -1.23 -1.20
C ALA D 142 41.76 0.29 -1.21
N ILE D 143 40.61 0.93 -1.45
CA ILE D 143 40.55 2.40 -1.43
C ILE D 143 40.96 2.93 -0.06
N LEU D 144 40.46 2.31 1.01
CA LEU D 144 40.86 2.71 2.36
C LEU D 144 42.38 2.64 2.57
N LEU D 145 43.01 1.59 2.05
CA LEU D 145 44.46 1.46 2.11
C LEU D 145 45.11 2.58 1.33
N LEU D 146 44.65 2.83 0.11
CA LEU D 146 45.22 3.86 -0.72
C LEU D 146 45.09 5.25 -0.09
N LEU D 147 43.93 5.55 0.51
CA LEU D 147 43.70 6.83 1.19
C LEU D 147 44.67 7.06 2.34
N ASP D 148 45.19 5.99 2.94
CA ASP D 148 46.23 6.10 3.97
C ASP D 148 47.67 6.21 3.42
N HIS D 149 47.84 6.18 2.11
CA HIS D 149 49.14 6.42 1.49
C HIS D 149 49.10 7.56 0.46
N PRO D 150 48.79 8.78 0.89
CA PRO D 150 48.59 9.88 -0.07
C PRO D 150 49.83 10.33 -0.85
N ARG D 151 51.02 9.94 -0.40
CA ARG D 151 52.27 10.28 -1.10
C ARG D 151 52.68 9.23 -2.17
N VAL D 152 51.88 8.18 -2.38
CA VAL D 152 52.13 7.22 -3.47
C VAL D 152 51.89 7.96 -4.80
N PRO D 153 52.88 7.95 -5.71
CA PRO D 153 52.63 8.57 -7.02
C PRO D 153 51.41 7.97 -7.71
N CYS D 154 50.51 8.85 -8.16
CA CYS D 154 49.30 8.47 -8.93
C CYS D 154 48.29 7.71 -8.05
N VAL D 155 48.32 7.96 -6.74
CA VAL D 155 47.38 7.35 -5.80
C VAL D 155 45.92 7.57 -6.22
N ASP D 156 45.59 8.79 -6.69
CA ASP D 156 44.21 9.06 -7.10
C ASP D 156 43.80 8.26 -8.33
N ASP D 157 44.73 7.98 -9.23
CA ASP D 157 44.43 7.11 -10.37
C ASP D 157 44.09 5.70 -9.88
N PHE D 158 44.82 5.23 -8.87
CA PHE D 158 44.58 3.88 -8.31
C PHE D 158 43.23 3.80 -7.59
N ILE D 159 42.89 4.87 -6.90
CA ILE D 159 41.59 4.99 -6.26
C ILE D 159 40.46 4.94 -7.30
N GLU D 160 40.55 5.68 -8.40
N GLU D 160 40.62 5.70 -8.37
CA GLU D 160 39.47 5.65 -9.39
CA GLU D 160 39.69 5.74 -9.51
C GLU D 160 39.36 4.28 -10.09
C GLU D 160 39.41 4.33 -10.08
N GLU D 161 40.48 3.55 -10.25
CA GLU D 161 40.43 2.20 -10.81
C GLU D 161 39.64 1.28 -9.88
N GLU D 162 39.99 1.31 -8.59
CA GLU D 162 39.31 0.51 -7.59
C GLU D 162 37.86 0.93 -7.41
N LEU D 163 37.57 2.22 -7.48
CA LEU D 163 36.20 2.68 -7.36
C LEU D 163 35.31 2.26 -8.55
N PHE D 164 35.89 2.28 -9.75
CA PHE D 164 35.20 1.84 -10.95
C PHE D 164 34.85 0.35 -10.79
N VAL D 165 35.83 -0.44 -10.34
CA VAL D 165 35.61 -1.88 -10.17
C VAL D 165 34.60 -2.15 -9.03
N ALA D 166 34.66 -1.35 -7.95
CA ALA D 166 33.65 -1.44 -6.89
C ALA D 166 32.25 -1.27 -7.48
N GLY D 167 32.12 -0.29 -8.39
CA GLY D 167 30.87 0.04 -9.04
C GLY D 167 30.39 -1.08 -9.92
N ASP D 168 31.33 -1.65 -10.66
CA ASP D 168 31.04 -2.76 -11.58
C ASP D 168 30.57 -4.00 -10.83
N ASN D 169 31.29 -4.32 -9.75
CA ASN D 169 30.91 -5.44 -8.88
C ASN D 169 29.51 -5.26 -8.28
N LEU D 170 29.25 -4.08 -7.76
CA LEU D 170 27.99 -3.79 -7.15
C LEU D 170 26.84 -3.82 -8.14
N GLN D 171 27.06 -3.26 -9.33
CA GLN D 171 26.07 -3.37 -10.39
C GLN D 171 25.75 -4.80 -10.75
N GLY D 172 26.76 -5.64 -10.75
CA GLY D 172 26.61 -7.07 -11.02
C GLY D 172 25.69 -7.68 -10.00
N ALA D 173 25.99 -7.47 -8.73
CA ALA D 173 25.18 -7.95 -7.61
C ALA D 173 23.74 -7.43 -7.70
N ILE D 174 23.59 -6.16 -8.07
CA ILE D 174 22.27 -5.59 -8.24
C ILE D 174 21.44 -6.37 -9.29
N GLY D 175 22.08 -6.70 -10.40
CA GLY D 175 21.43 -7.45 -11.45
C GLY D 175 21.07 -8.86 -10.99
N ASN D 176 22.00 -9.49 -10.29
CA ASN D 176 21.73 -10.82 -9.68
C ASN D 176 20.54 -10.73 -8.71
N ALA D 177 20.51 -9.71 -7.86
CA ALA D 177 19.43 -9.58 -6.87
C ALA D 177 18.09 -9.33 -7.51
N LYS D 178 18.07 -8.64 -8.65
CA LYS D 178 16.81 -8.37 -9.34
C LYS D 178 16.20 -9.71 -9.80
N LEU D 179 17.03 -10.53 -10.44
CA LEU D 179 16.57 -11.85 -10.90
C LEU D 179 16.21 -12.81 -9.78
N GLY D 180 17.05 -12.87 -8.74
CA GLY D 180 16.79 -13.72 -7.58
C GLY D 180 15.49 -13.34 -6.89
N THR D 181 15.26 -12.04 -6.72
CA THR D 181 14.02 -11.57 -6.12
C THR D 181 12.80 -11.93 -6.94
N GLU D 182 12.87 -11.72 -8.25
CA GLU D 182 11.76 -12.06 -9.16
C GLU D 182 11.42 -13.57 -9.07
N ARG D 183 12.46 -14.37 -9.03
CA ARG D 183 12.28 -15.83 -8.85
C ARG D 183 11.68 -16.20 -7.51
N ALA D 184 12.16 -15.59 -6.45
CA ALA D 184 11.64 -15.86 -5.11
C ALA D 184 10.17 -15.42 -4.99
N VAL D 185 9.82 -14.30 -5.64
CA VAL D 185 8.43 -13.83 -5.61
C VAL D 185 7.53 -14.79 -6.42
N GLY D 186 8.08 -15.25 -7.54
CA GLY D 186 7.42 -16.27 -8.36
C GLY D 186 7.18 -17.54 -7.57
N ALA D 187 8.19 -17.95 -6.81
CA ALA D 187 8.09 -19.13 -5.93
C ALA D 187 7.03 -18.96 -4.84
N ARG D 188 6.99 -17.76 -4.25
CA ARG D 188 5.93 -17.43 -3.30
C ARG D 188 4.55 -17.58 -3.91
N GLN D 189 4.38 -17.09 -5.13
CA GLN D 189 3.11 -17.23 -5.84
C GLN D 189 2.78 -18.72 -6.10
N ASP D 190 3.77 -19.50 -6.49
CA ASP D 190 3.55 -20.92 -6.74
C ASP D 190 2.98 -21.64 -5.52
N VAL D 191 3.41 -21.28 -4.32
CA VAL D 191 2.91 -21.97 -3.14
C VAL D 191 1.82 -21.22 -2.38
N SER D 192 1.24 -20.20 -3.00
CA SER D 192 0.20 -19.42 -2.36
C SER D 192 -1.13 -20.18 -2.30
N GLU E 9 -20.56 -20.01 -32.75
CA GLU E 9 -21.33 -18.99 -31.97
C GLU E 9 -20.42 -18.09 -31.12
N ALA E 10 -20.05 -18.48 -29.89
CA ALA E 10 -19.39 -17.55 -28.93
C ALA E 10 -18.13 -16.86 -29.48
N TRP E 11 -17.36 -17.57 -30.30
CA TRP E 11 -16.17 -16.96 -30.91
C TRP E 11 -16.44 -15.74 -31.80
N ARG E 12 -17.64 -15.66 -32.38
CA ARG E 12 -17.95 -14.64 -33.39
C ARG E 12 -18.08 -13.29 -32.72
N SER E 13 -18.62 -13.29 -31.51
CA SER E 13 -18.59 -12.11 -30.66
C SER E 13 -17.15 -11.67 -30.26
N ARG E 14 -16.30 -12.62 -29.88
N ARG E 14 -16.32 -12.66 -29.87
CA ARG E 14 -14.93 -12.29 -29.48
CA ARG E 14 -14.90 -12.43 -29.53
C ARG E 14 -14.11 -11.79 -30.69
C ARG E 14 -14.21 -11.74 -30.69
N PHE E 15 -14.44 -12.28 -31.88
CA PHE E 15 -13.87 -11.80 -33.13
C PHE E 15 -14.29 -10.35 -33.36
N ARG E 16 -15.59 -10.09 -33.29
CA ARG E 16 -16.14 -8.77 -33.53
C ARG E 16 -15.54 -7.71 -32.59
N GLU E 17 -15.46 -8.08 -31.31
CA GLU E 17 -14.92 -7.16 -30.28
C GLU E 17 -13.51 -6.75 -30.63
N ARG E 18 -12.70 -7.74 -31.03
CA ARG E 18 -11.31 -7.48 -31.42
C ARG E 18 -11.15 -6.66 -32.70
N VAL E 19 -12.03 -6.91 -33.68
CA VAL E 19 -12.01 -6.10 -34.91
C VAL E 19 -12.39 -4.63 -34.60
N VAL E 20 -13.43 -4.47 -33.79
CA VAL E 20 -13.87 -3.11 -33.40
C VAL E 20 -12.72 -2.39 -32.69
N GLU E 21 -12.07 -3.07 -31.75
CA GLU E 21 -10.95 -2.48 -31.01
C GLU E 21 -9.76 -2.19 -31.92
N ALA E 22 -9.46 -3.08 -32.88
CA ALA E 22 -8.39 -2.86 -33.84
C ALA E 22 -8.58 -1.56 -34.61
N ALA E 23 -9.79 -1.31 -35.09
CA ALA E 23 -10.07 -0.08 -35.80
C ALA E 23 -9.85 1.17 -34.91
N GLU E 24 -10.19 1.06 -33.63
CA GLU E 24 -9.93 2.16 -32.68
C GLU E 24 -8.42 2.40 -32.51
N ARG E 25 -7.67 1.31 -32.39
CA ARG E 25 -6.20 1.42 -32.27
C ARG E 25 -5.61 2.01 -33.52
N TRP E 26 -6.11 1.60 -34.68
CA TRP E 26 -5.60 2.14 -35.95
C TRP E 26 -5.90 3.63 -36.09
N GLU E 27 -7.11 4.04 -35.70
CA GLU E 27 -7.43 5.47 -35.74
C GLU E 27 -6.51 6.29 -34.81
N SER E 28 -6.14 5.76 -33.65
CA SER E 28 -5.21 6.49 -32.76
C SER E 28 -3.83 6.58 -33.40
N VAL E 29 -3.42 5.50 -34.09
CA VAL E 29 -2.16 5.47 -34.79
C VAL E 29 -2.08 6.60 -35.79
N GLY E 30 -3.08 6.72 -36.65
CA GLY E 30 -3.09 7.78 -37.66
C GLY E 30 -2.98 9.18 -37.07
N GLU E 31 -3.66 9.43 -35.96
CA GLU E 31 -3.62 10.74 -35.31
C GLU E 31 -2.25 11.04 -34.71
N SER E 32 -1.67 10.05 -34.04
CA SER E 32 -0.34 10.20 -33.47
C SER E 32 0.72 10.47 -34.53
N LEU E 33 0.67 9.73 -35.64
CA LEU E 33 1.66 9.93 -36.73
C LEU E 33 1.54 11.32 -37.36
N ALA E 34 0.31 11.80 -37.50
CA ALA E 34 0.05 13.10 -38.08
C ALA E 34 0.61 14.21 -37.17
N THR E 35 0.36 14.09 -35.87
CA THR E 35 0.89 15.05 -34.90
C THR E 35 2.42 15.01 -34.89
N ALA E 36 3.01 13.81 -34.95
CA ALA E 36 4.47 13.69 -35.03
C ALA E 36 5.00 14.49 -36.20
N LEU E 37 4.35 14.39 -37.36
CA LEU E 37 4.83 15.08 -38.56
C LEU E 37 4.79 16.61 -38.45
N THR E 38 3.81 17.16 -37.74
CA THR E 38 3.76 18.62 -37.53
C THR E 38 5.03 19.14 -36.86
N HIS E 39 5.61 18.35 -35.95
CA HIS E 39 6.84 18.77 -35.26
C HIS E 39 8.11 18.68 -36.09
N LEU E 40 8.06 18.03 -37.25
CA LEU E 40 9.25 17.81 -38.08
C LEU E 40 9.28 18.59 -39.40
N LYS E 41 8.39 19.58 -39.58
CA LYS E 41 8.26 20.31 -40.84
C LYS E 41 9.32 21.36 -41.04
N SER E 42 9.59 22.15 -39.99
CA SER E 42 10.56 23.25 -40.07
C SER E 42 11.99 22.75 -39.94
N PRO E 43 12.94 23.47 -40.54
CA PRO E 43 14.36 23.18 -40.38
C PRO E 43 14.83 23.19 -38.91
N MET E 44 15.86 22.41 -38.61
CA MET E 44 16.46 22.38 -37.29
C MET E 44 17.92 22.82 -37.42
N HIS E 45 18.41 23.51 -36.40
CA HIS E 45 19.75 24.08 -36.43
C HIS E 45 20.47 23.95 -35.11
N ALA E 46 21.79 23.81 -35.19
CA ALA E 46 22.64 23.58 -34.04
C ALA E 46 23.55 24.76 -33.74
N GLY E 47 23.48 25.84 -34.53
CA GLY E 47 24.48 26.93 -34.48
C GLY E 47 24.39 27.85 -33.29
N ASP E 48 23.28 27.77 -32.57
CA ASP E 48 22.95 28.63 -31.47
C ASP E 48 22.33 27.74 -30.38
N GLU E 49 22.61 28.02 -29.10
CA GLU E 49 22.10 27.19 -27.98
C GLU E 49 20.58 27.16 -27.94
N GLU E 50 19.95 28.31 -28.18
CA GLU E 50 18.48 28.44 -28.23
C GLU E 50 17.84 27.67 -29.41
N GLU E 51 18.46 27.74 -30.59
CA GLU E 51 18.00 26.99 -31.76
C GLU E 51 18.12 25.49 -31.50
N ALA E 52 19.24 25.06 -30.92
CA ALA E 52 19.44 23.64 -30.59
C ALA E 52 18.41 23.14 -29.57
N ALA E 53 18.15 23.98 -28.55
CA ALA E 53 17.14 23.69 -27.53
C ALA E 53 15.76 23.57 -28.13
N ALA E 54 15.41 24.51 -29.01
CA ALA E 54 14.11 24.48 -29.72
C ALA E 54 13.96 23.18 -30.54
N ALA E 55 15.03 22.78 -31.22
CA ALA E 55 15.00 21.52 -31.98
C ALA E 55 14.82 20.31 -31.06
N ARG E 56 15.57 20.27 -29.95
CA ARG E 56 15.46 19.18 -28.98
C ARG E 56 14.04 19.03 -28.44
N THR E 57 13.43 20.16 -28.06
CA THR E 57 12.03 20.16 -27.64
C THR E 57 11.07 19.56 -28.68
N ARG E 58 11.18 20.00 -29.93
CA ARG E 58 10.40 19.45 -31.04
C ARG E 58 10.61 17.94 -31.24
N ILE E 59 11.84 17.48 -31.05
CA ILE E 59 12.16 16.06 -31.24
C ILE E 59 11.54 15.22 -30.12
N GLN E 60 11.58 15.74 -28.89
CA GLN E 60 10.95 15.03 -27.78
C GLN E 60 9.44 14.96 -27.94
N LEU E 61 8.82 16.04 -28.41
CA LEU E 61 7.39 16.01 -28.70
C LEU E 61 7.04 14.99 -29.81
N ALA E 62 7.86 14.94 -30.87
CA ALA E 62 7.69 13.95 -31.94
C ALA E 62 7.89 12.52 -31.45
N MET E 63 8.95 12.29 -30.69
N MET E 63 8.95 12.29 -30.69
CA MET E 63 9.23 11.00 -30.06
CA MET E 63 9.21 11.00 -30.06
C MET E 63 8.07 10.48 -29.21
C MET E 63 8.05 10.47 -29.21
N GLY E 64 7.44 11.35 -28.42
CA GLY E 64 6.29 10.98 -27.58
C GLY E 64 5.11 10.49 -28.42
N GLU E 65 4.80 11.22 -29.50
CA GLU E 65 3.80 10.81 -30.46
C GLU E 65 4.19 9.47 -31.10
N LEU E 66 5.46 9.32 -31.49
CA LEU E 66 5.89 8.06 -32.14
C LEU E 66 5.80 6.87 -31.18
N VAL E 67 6.10 7.12 -29.90
CA VAL E 67 5.95 6.10 -28.87
C VAL E 67 4.47 5.65 -28.79
N ASP E 68 3.53 6.60 -28.79
CA ASP E 68 2.11 6.28 -28.77
C ASP E 68 1.73 5.47 -30.00
N ALA E 69 2.18 5.93 -31.17
CA ALA E 69 1.85 5.25 -32.42
C ALA E 69 2.36 3.83 -32.45
N SER E 70 3.58 3.63 -31.96
CA SER E 70 4.16 2.28 -31.92
C SER E 70 3.36 1.34 -31.00
N ARG E 71 2.94 1.88 -29.85
CA ARG E 71 2.21 1.09 -28.85
C ARG E 71 0.86 0.66 -29.41
N ASN E 72 0.17 1.58 -30.07
CA ASN E 72 -1.12 1.28 -30.66
C ASN E 72 -1.02 0.41 -31.92
N LEU E 73 0.06 0.55 -32.70
CA LEU E 73 0.31 -0.39 -33.83
C LEU E 73 0.51 -1.81 -33.29
N ALA E 74 1.31 -1.94 -32.22
CA ALA E 74 1.51 -3.23 -31.55
C ALA E 74 0.19 -3.85 -31.11
N SER E 75 -0.68 -3.04 -30.49
CA SER E 75 -1.95 -3.54 -30.02
C SER E 75 -2.84 -3.97 -31.22
N ALA E 76 -2.84 -3.15 -32.27
CA ALA E 76 -3.61 -3.47 -33.47
C ALA E 76 -3.19 -4.79 -34.09
N MET E 77 -1.88 -5.01 -34.17
CA MET E 77 -1.35 -6.23 -34.75
C MET E 77 -1.79 -7.42 -33.94
N SER E 78 -1.76 -7.28 -32.61
CA SER E 78 -2.20 -8.33 -31.73
C SER E 78 -3.68 -8.65 -31.92
N LEU E 79 -4.50 -7.61 -31.85
CA LEU E 79 -5.95 -7.77 -31.95
C LEU E 79 -6.34 -8.45 -33.27
N MET E 80 -5.70 -8.02 -34.34
CA MET E 80 -5.99 -8.59 -35.64
C MET E 80 -5.51 -10.04 -35.76
N LYS E 81 -4.35 -10.35 -35.19
CA LYS E 81 -3.89 -11.76 -35.23
C LYS E 81 -4.79 -12.66 -34.40
N VAL E 82 -5.17 -12.20 -33.19
CA VAL E 82 -6.03 -13.00 -32.33
C VAL E 82 -7.40 -13.21 -32.98
N ALA E 83 -7.95 -12.15 -33.59
CA ALA E 83 -9.21 -12.28 -34.31
C ALA E 83 -9.11 -13.39 -35.38
N GLU E 84 -8.04 -13.35 -36.17
CA GLU E 84 -7.81 -14.37 -37.20
C GLU E 84 -7.77 -15.77 -36.58
N LEU E 85 -7.03 -15.94 -35.49
CA LEU E 85 -6.93 -17.25 -34.84
C LEU E 85 -8.26 -17.72 -34.25
N LEU E 86 -9.06 -16.79 -33.69
CA LEU E 86 -10.41 -17.12 -33.21
C LEU E 86 -11.24 -17.69 -34.34
N ALA E 87 -11.13 -17.10 -35.52
CA ALA E 87 -11.92 -17.57 -36.68
C ALA E 87 -11.41 -18.90 -37.23
N LEU E 88 -10.10 -19.07 -37.30
CA LEU E 88 -9.51 -20.31 -37.80
C LEU E 88 -9.90 -21.49 -36.94
N HIS E 89 -9.99 -21.30 -35.62
CA HIS E 89 -10.41 -22.38 -34.70
C HIS E 89 -11.89 -22.53 -34.68
N GLY E 90 -12.59 -21.41 -34.55
CA GLY E 90 -14.03 -21.42 -34.39
C GLY E 90 -14.81 -21.86 -35.61
N GLY E 91 -14.27 -21.60 -36.79
CA GLY E 91 -14.93 -21.93 -38.04
C GLY E 91 -14.44 -23.26 -38.58
N SER E 92 -13.53 -23.93 -37.87
CA SER E 92 -13.05 -25.24 -38.31
C SER E 92 -14.19 -26.23 -38.17
N VAL E 93 -14.24 -27.20 -39.08
CA VAL E 93 -15.24 -28.27 -39.01
C VAL E 93 -14.94 -29.31 -37.89
N ASN E 94 -13.69 -29.73 -37.73
CA ASN E 94 -13.33 -30.63 -36.60
C ASN E 94 -12.64 -29.84 -35.48
N PRO E 95 -13.12 -30.01 -34.22
CA PRO E 95 -12.54 -29.23 -33.09
C PRO E 95 -11.05 -29.52 -32.77
N SER E 96 -10.54 -30.66 -33.21
CA SER E 96 -9.13 -31.02 -33.03
C SER E 96 -8.15 -30.31 -33.97
N THR E 97 -8.65 -29.67 -35.04
CA THR E 97 -7.78 -28.88 -35.92
C THR E 97 -8.31 -27.44 -36.10
N HIS E 98 -7.50 -26.62 -36.76
CA HIS E 98 -7.91 -25.29 -37.21
C HIS E 98 -7.84 -25.18 -38.74
N LEU E 99 -8.71 -24.35 -39.31
CA LEU E 99 -8.67 -24.03 -40.74
C LEU E 99 -7.31 -23.52 -41.10
N GLY E 100 -6.81 -23.94 -42.27
CA GLY E 100 -5.50 -23.53 -42.76
C GLY E 100 -5.34 -22.04 -43.02
N GLU E 101 -6.41 -21.40 -43.46
CA GLU E 101 -6.40 -19.97 -43.68
C GLU E 101 -7.81 -19.40 -43.75
N ILE E 102 -7.89 -18.10 -43.56
CA ILE E 102 -9.17 -17.50 -43.29
C ILE E 102 -10.13 -17.61 -44.50
N SER E 103 -9.58 -17.57 -45.71
CA SER E 103 -10.35 -17.75 -46.95
C SER E 103 -11.08 -19.13 -47.06
N LEU E 104 -10.73 -20.10 -46.21
CA LEU E 104 -11.43 -21.38 -46.20
C LEU E 104 -12.66 -21.43 -45.31
N LEU E 105 -12.99 -20.33 -44.62
CA LEU E 105 -14.19 -20.28 -43.83
C LEU E 105 -15.41 -20.51 -44.70
N GLY E 106 -16.37 -21.24 -44.16
CA GLY E 106 -17.63 -21.52 -44.82
C GLY E 106 -18.44 -20.26 -45.06
N ASP E 107 -19.36 -20.37 -46.00
CA ASP E 107 -20.19 -19.21 -46.38
C ASP E 107 -21.07 -18.62 -45.27
N GLN E 108 -21.47 -19.47 -44.32
CA GLN E 108 -22.13 -19.06 -43.09
C GLN E 108 -21.36 -17.97 -42.32
N TYR E 109 -20.05 -17.96 -42.49
CA TYR E 109 -19.12 -17.03 -41.88
C TYR E 109 -18.62 -15.96 -42.88
N LEU E 110 -19.44 -15.62 -43.87
CA LEU E 110 -19.02 -14.63 -44.87
C LEU E 110 -18.51 -13.33 -44.26
N ALA E 111 -19.18 -12.91 -43.20
CA ALA E 111 -18.83 -11.62 -42.56
C ALA E 111 -17.42 -11.66 -41.97
N GLU E 112 -17.12 -12.73 -41.25
CA GLU E 112 -15.81 -12.92 -40.61
C GLU E 112 -14.72 -13.19 -41.66
N ARG E 113 -15.08 -13.94 -42.70
CA ARG E 113 -14.17 -14.20 -43.79
C ARG E 113 -13.75 -12.91 -44.48
N ASN E 114 -14.72 -12.08 -44.82
CA ASN E 114 -14.39 -10.81 -45.46
C ASN E 114 -13.56 -9.93 -44.55
N ALA E 115 -13.90 -9.93 -43.27
CA ALA E 115 -13.16 -9.12 -42.29
C ALA E 115 -11.73 -9.66 -42.21
N GLY E 116 -11.59 -10.98 -42.11
CA GLY E 116 -10.28 -11.58 -41.98
C GLY E 116 -9.37 -11.36 -43.16
N ILE E 117 -9.92 -11.41 -44.38
CA ILE E 117 -9.13 -11.05 -45.57
C ILE E 117 -8.53 -9.64 -45.44
N LYS E 118 -9.36 -8.69 -45.00
CA LYS E 118 -8.89 -7.34 -44.76
C LYS E 118 -7.82 -7.23 -43.67
N LEU E 119 -8.00 -8.00 -42.59
CA LEU E 119 -7.09 -7.93 -41.45
C LEU E 119 -5.74 -8.51 -41.81
N LEU E 120 -5.73 -9.53 -42.67
CA LEU E 120 -4.47 -10.07 -43.11
C LEU E 120 -3.64 -9.02 -43.83
N GLU E 121 -4.27 -8.23 -44.71
CA GLU E 121 -3.58 -7.17 -45.43
C GLU E 121 -3.18 -6.03 -44.48
N ALA E 122 -4.07 -5.69 -43.57
CA ALA E 122 -3.77 -4.64 -42.58
C ALA E 122 -2.59 -5.03 -41.65
N GLY E 123 -2.38 -6.32 -41.41
CA GLY E 123 -1.21 -6.71 -40.64
C GLY E 123 0.09 -6.43 -41.39
N LYS E 124 0.08 -6.60 -42.71
CA LYS E 124 1.21 -6.21 -43.54
C LYS E 124 1.41 -4.71 -43.46
N ASP E 125 0.32 -3.96 -43.55
CA ASP E 125 0.39 -2.49 -43.38
C ASP E 125 1.01 -2.09 -42.04
N ALA E 126 0.59 -2.77 -40.98
CA ALA E 126 1.06 -2.43 -39.64
C ALA E 126 2.54 -2.74 -39.48
N ARG E 127 3.01 -3.87 -40.03
CA ARG E 127 4.41 -4.27 -39.92
C ARG E 127 5.26 -3.29 -40.70
N LYS E 128 4.78 -2.81 -41.84
CA LYS E 128 5.53 -1.81 -42.61
C LYS E 128 5.58 -0.46 -41.86
N ALA E 129 4.46 -0.09 -41.25
CA ALA E 129 4.38 1.15 -40.49
C ALA E 129 5.30 1.12 -39.27
N TYR E 130 5.30 0.01 -38.58
CA TYR E 130 6.11 -0.18 -37.39
C TYR E 130 7.59 -0.02 -37.73
N ILE E 131 8.02 -0.66 -38.80
CA ILE E 131 9.38 -0.49 -39.29
C ILE E 131 9.75 0.97 -39.67
N SER E 132 8.89 1.64 -40.40
CA SER E 132 9.15 3.04 -40.78
C SER E 132 9.16 3.97 -39.59
N VAL E 133 8.33 3.71 -38.59
CA VAL E 133 8.36 4.51 -37.35
C VAL E 133 9.71 4.32 -36.63
N ASP E 134 10.19 3.07 -36.55
CA ASP E 134 11.51 2.81 -35.96
C ASP E 134 12.62 3.52 -36.75
N GLY E 135 12.49 3.51 -38.08
CA GLY E 135 13.41 4.26 -38.96
C GLY E 135 13.44 5.75 -38.60
N CYS E 136 12.26 6.33 -38.50
CA CYS E 136 12.11 7.75 -38.16
C CYS E 136 12.73 8.03 -36.79
N ARG E 137 12.43 7.18 -35.80
CA ARG E 137 13.02 7.31 -34.48
C ARG E 137 14.56 7.34 -34.56
N GLY E 138 15.14 6.47 -35.39
CA GLY E 138 16.57 6.43 -35.61
C GLY E 138 17.13 7.74 -36.16
N ASN E 139 16.42 8.34 -37.12
CA ASN E 139 16.79 9.62 -37.66
C ASN E 139 16.74 10.71 -36.58
N LEU E 140 15.67 10.70 -35.76
CA LEU E 140 15.55 11.69 -34.68
C LEU E 140 16.65 11.54 -33.64
N ASP E 141 16.97 10.30 -33.26
CA ASP E 141 18.15 10.01 -32.39
C ASP E 141 19.46 10.55 -32.97
N ALA E 142 19.65 10.41 -34.29
CA ALA E 142 20.82 10.96 -34.97
C ALA E 142 20.86 12.49 -34.91
N ILE E 143 19.72 13.13 -35.09
CA ILE E 143 19.67 14.60 -34.97
C ILE E 143 20.08 15.01 -33.54
N LEU E 144 19.56 14.34 -32.50
CA LEU E 144 20.00 14.63 -31.12
C LEU E 144 21.51 14.52 -30.93
N LEU E 145 22.16 13.54 -31.58
CA LEU E 145 23.62 13.44 -31.55
C LEU E 145 24.27 14.63 -32.22
N LEU E 146 23.78 14.98 -33.42
CA LEU E 146 24.35 16.09 -34.19
C LEU E 146 24.18 17.42 -33.46
N LEU E 147 23.04 17.59 -32.78
CA LEU E 147 22.80 18.81 -32.01
C LEU E 147 23.80 19.04 -30.87
N ASP E 148 24.42 17.97 -30.40
CA ASP E 148 25.49 18.08 -29.41
C ASP E 148 26.89 18.30 -29.97
N HIS E 149 27.01 18.47 -31.29
CA HIS E 149 28.28 18.71 -31.94
C HIS E 149 28.21 19.93 -32.85
N PRO E 150 27.90 21.12 -32.27
CA PRO E 150 27.72 22.32 -33.09
C PRO E 150 28.95 22.74 -33.91
N ARG E 151 30.15 22.31 -33.52
CA ARG E 151 31.38 22.71 -34.21
C ARG E 151 31.83 21.76 -35.33
N VAL E 152 31.09 20.69 -35.55
CA VAL E 152 31.32 19.82 -36.68
C VAL E 152 31.07 20.60 -37.98
N PRO E 153 32.08 20.67 -38.87
CA PRO E 153 31.83 21.34 -40.14
C PRO E 153 30.64 20.72 -40.88
N CYS E 154 29.77 21.59 -41.39
CA CYS E 154 28.55 21.23 -42.10
C CYS E 154 27.48 20.48 -41.27
N VAL E 155 27.55 20.59 -39.95
CA VAL E 155 26.60 19.90 -39.08
C VAL E 155 25.14 20.19 -39.45
N ASP E 156 24.83 21.42 -39.84
CA ASP E 156 23.46 21.76 -40.19
C ASP E 156 23.00 21.07 -41.45
N ASP E 157 23.93 20.74 -42.35
CA ASP E 157 23.58 19.97 -43.55
C ASP E 157 23.23 18.53 -43.16
N PHE E 158 23.99 17.97 -42.22
CA PHE E 158 23.76 16.61 -41.74
C PHE E 158 22.42 16.50 -41.01
N ILE E 159 22.10 17.53 -40.20
CA ILE E 159 20.79 17.62 -39.55
C ILE E 159 19.67 17.65 -40.56
N GLU E 160 19.83 18.49 -41.60
CA GLU E 160 18.84 18.61 -42.68
C GLU E 160 18.61 17.26 -43.38
N GLU E 161 19.70 16.58 -43.70
CA GLU E 161 19.66 15.23 -44.29
C GLU E 161 18.86 14.26 -43.44
N GLU E 162 19.22 14.17 -42.16
CA GLU E 162 18.49 13.29 -41.22
C GLU E 162 17.02 13.67 -41.04
N LEU E 163 16.72 14.96 -41.01
CA LEU E 163 15.34 15.40 -40.85
C LEU E 163 14.50 15.08 -42.10
N PHE E 164 15.13 15.15 -43.27
CA PHE E 164 14.47 14.78 -44.50
C PHE E 164 14.12 13.29 -44.45
N VAL E 165 15.09 12.47 -44.07
CA VAL E 165 14.86 11.04 -43.99
C VAL E 165 13.86 10.70 -42.88
N ALA E 166 13.92 11.40 -41.73
CA ALA E 166 12.88 11.27 -40.71
C ALA E 166 11.51 11.49 -41.31
N GLY E 167 11.35 12.56 -42.09
CA GLY E 167 10.07 12.91 -42.72
C GLY E 167 9.61 11.89 -43.75
N ASP E 168 10.56 11.39 -44.51
CA ASP E 168 10.29 10.39 -45.53
C ASP E 168 9.83 9.07 -44.90
N ASN E 169 10.52 8.64 -43.84
CA ASN E 169 10.10 7.48 -43.08
C ASN E 169 8.73 7.66 -42.46
N LEU E 170 8.50 8.81 -41.83
CA LEU E 170 7.22 9.07 -41.19
C LEU E 170 6.07 9.11 -42.19
N GLN E 171 6.29 9.73 -43.35
CA GLN E 171 5.29 9.75 -44.43
C GLN E 171 4.96 8.35 -44.91
N GLY E 172 5.97 7.49 -45.03
CA GLY E 172 5.78 6.07 -45.35
C GLY E 172 4.83 5.43 -44.36
N ALA E 173 5.11 5.59 -43.07
CA ALA E 173 4.25 5.07 -42.00
C ALA E 173 2.83 5.66 -42.10
N ILE E 174 2.73 6.96 -42.37
CA ILE E 174 1.40 7.61 -42.53
C ILE E 174 0.60 6.93 -43.65
N GLY E 175 1.26 6.66 -44.76
CA GLY E 175 0.66 5.97 -45.90
C GLY E 175 0.18 4.58 -45.53
N ASN E 176 1.02 3.83 -44.83
CA ASN E 176 0.69 2.46 -44.39
C ASN E 176 -0.51 2.49 -43.45
N ALA E 177 -0.53 3.47 -42.53
CA ALA E 177 -1.59 3.58 -41.56
C ALA E 177 -2.93 3.98 -42.16
N LYS E 178 -2.89 4.76 -43.24
CA LYS E 178 -4.12 5.16 -43.93
C LYS E 178 -4.76 3.92 -44.54
N LEU E 179 -3.95 3.11 -45.20
CA LEU E 179 -4.44 1.87 -45.82
C LEU E 179 -4.87 0.84 -44.76
N GLY E 180 -4.08 0.67 -43.71
CA GLY E 180 -4.42 -0.20 -42.59
C GLY E 180 -5.70 0.19 -41.92
N THR E 181 -5.90 1.50 -41.73
CA THR E 181 -7.11 1.98 -41.09
C THR E 181 -8.32 1.73 -41.95
N GLU E 182 -8.21 2.01 -43.25
CA GLU E 182 -9.30 1.78 -44.22
C GLU E 182 -9.73 0.28 -44.16
N ARG E 183 -8.73 -0.59 -44.12
CA ARG E 183 -8.97 -2.02 -44.05
C ARG E 183 -9.62 -2.43 -42.75
N ALA E 184 -9.13 -1.90 -41.63
CA ALA E 184 -9.73 -2.22 -40.32
C ALA E 184 -11.16 -1.70 -40.18
N VAL E 185 -11.42 -0.49 -40.70
CA VAL E 185 -12.79 0.09 -40.72
C VAL E 185 -13.70 -0.75 -41.62
N GLY E 186 -13.14 -1.25 -42.73
CA GLY E 186 -13.88 -2.14 -43.65
C GLY E 186 -14.26 -3.42 -42.94
N ALA E 187 -13.31 -3.97 -42.19
CA ALA E 187 -13.54 -5.21 -41.44
C ALA E 187 -14.56 -5.00 -40.33
N ARG E 188 -14.49 -3.84 -39.68
CA ARG E 188 -15.50 -3.49 -38.67
C ARG E 188 -16.87 -3.49 -39.28
N GLN E 189 -17.00 -2.82 -40.42
CA GLN E 189 -18.26 -2.79 -41.17
C GLN E 189 -18.71 -4.22 -41.56
N ASP E 190 -17.77 -5.09 -41.95
CA ASP E 190 -18.12 -6.48 -42.31
C ASP E 190 -18.80 -7.23 -41.17
N VAL E 191 -18.35 -7.05 -39.92
CA VAL E 191 -18.97 -7.77 -38.80
C VAL E 191 -20.00 -6.97 -37.96
N SER E 192 -20.39 -5.79 -38.43
CA SER E 192 -21.40 -4.91 -37.75
C SER E 192 -22.72 -4.91 -38.50
N ALA F 8 -9.05 40.98 -35.59
CA ALA F 8 -8.05 41.58 -34.66
C ALA F 8 -6.95 40.55 -34.30
N GLU F 9 -5.93 40.98 -33.54
CA GLU F 9 -4.67 40.22 -33.42
C GLU F 9 -4.21 39.91 -31.99
N ALA F 10 -3.55 40.86 -31.31
CA ALA F 10 -2.80 40.60 -30.07
C ALA F 10 -3.64 40.05 -28.90
N TRP F 11 -4.88 40.53 -28.76
CA TRP F 11 -5.78 40.04 -27.71
C TRP F 11 -5.98 38.52 -27.76
N ARG F 12 -5.90 37.93 -28.95
CA ARG F 12 -6.15 36.50 -29.11
C ARG F 12 -5.09 35.64 -28.43
N SER F 13 -3.84 36.07 -28.54
CA SER F 13 -2.75 35.44 -27.80
C SER F 13 -2.93 35.58 -26.27
N ARG F 14 -3.30 36.77 -25.83
CA ARG F 14 -3.52 37.02 -24.40
C ARG F 14 -4.69 36.21 -23.84
N PHE F 15 -5.76 36.10 -24.63
CA PHE F 15 -6.90 35.22 -24.31
C PHE F 15 -6.43 33.78 -24.12
N ARG F 16 -5.65 33.28 -25.09
CA ARG F 16 -5.09 31.94 -25.02
C ARG F 16 -4.24 31.70 -23.75
N GLU F 17 -3.39 32.66 -23.39
CA GLU F 17 -2.53 32.52 -22.20
C GLU F 17 -3.39 32.38 -20.94
N ARG F 18 -4.46 33.15 -20.90
CA ARG F 18 -5.38 33.13 -19.74
C ARG F 18 -6.17 31.85 -19.63
N VAL F 19 -6.59 31.31 -20.78
CA VAL F 19 -7.29 30.04 -20.79
C VAL F 19 -6.37 28.92 -20.31
N VAL F 20 -5.13 28.91 -20.80
CA VAL F 20 -4.15 27.91 -20.39
C VAL F 20 -3.92 27.97 -18.88
N GLU F 21 -3.73 29.18 -18.35
CA GLU F 21 -3.48 29.36 -16.91
C GLU F 21 -4.70 28.95 -16.07
N ALA F 22 -5.90 29.30 -16.54
CA ALA F 22 -7.15 28.90 -15.86
C ALA F 22 -7.25 27.38 -15.72
N ALA F 23 -6.93 26.65 -16.78
CA ALA F 23 -6.95 25.20 -16.76
C ALA F 23 -6.00 24.62 -15.70
N GLU F 24 -4.83 25.24 -15.57
CA GLU F 24 -3.84 24.82 -14.57
C GLU F 24 -4.35 25.09 -13.15
N ARG F 25 -4.94 26.26 -12.90
CA ARG F 25 -5.53 26.55 -11.59
C ARG F 25 -6.63 25.53 -11.27
N TRP F 26 -7.48 25.22 -12.25
CA TRP F 26 -8.55 24.23 -12.04
C TRP F 26 -8.05 22.83 -11.62
N GLU F 27 -6.99 22.36 -12.22
CA GLU F 27 -6.48 21.02 -11.85
C GLU F 27 -5.89 20.96 -10.42
N SER F 28 -5.32 22.07 -9.95
CA SER F 28 -4.92 22.16 -8.53
C SER F 28 -6.14 22.00 -7.64
N VAL F 29 -7.27 22.60 -8.05
CA VAL F 29 -8.47 22.63 -7.21
C VAL F 29 -8.96 21.22 -6.88
N GLY F 30 -9.12 20.39 -7.91
CA GLY F 30 -9.61 19.01 -7.76
C GLY F 30 -8.81 18.19 -6.76
N GLU F 31 -7.50 18.34 -6.81
CA GLU F 31 -6.61 17.55 -5.94
C GLU F 31 -6.74 18.03 -4.50
N SER F 32 -6.77 19.35 -4.31
CA SER F 32 -6.94 19.91 -2.95
C SER F 32 -8.26 19.50 -2.29
N LEU F 33 -9.34 19.59 -3.04
CA LEU F 33 -10.66 19.18 -2.52
C LEU F 33 -10.68 17.71 -2.16
N ALA F 34 -10.05 16.88 -3.00
CA ALA F 34 -9.99 15.44 -2.74
C ALA F 34 -9.27 15.14 -1.43
N THR F 35 -8.14 15.79 -1.25
CA THR F 35 -7.32 15.56 -0.06
C THR F 35 -8.05 16.05 1.18
N ALA F 36 -8.74 17.20 1.07
CA ALA F 36 -9.56 17.70 2.18
C ALA F 36 -10.56 16.65 2.63
N LEU F 37 -11.20 16.00 1.67
CA LEU F 37 -12.22 15.01 1.97
C LEU F 37 -11.65 13.83 2.75
N THR F 38 -10.40 13.46 2.50
CA THR F 38 -9.78 12.31 3.22
C THR F 38 -9.69 12.54 4.75
N HIS F 39 -9.60 13.80 5.18
CA HIS F 39 -9.58 14.17 6.58
C HIS F 39 -10.94 14.19 7.26
N LEU F 40 -12.02 14.10 6.50
CA LEU F 40 -13.35 14.28 7.04
C LEU F 40 -14.20 13.02 7.05
N LYS F 41 -13.61 11.82 6.96
CA LYS F 41 -14.40 10.58 6.83
C LYS F 41 -14.80 9.92 8.14
N SER F 42 -13.94 9.95 9.14
CA SER F 42 -14.21 9.28 10.39
C SER F 42 -14.92 10.22 11.35
N PRO F 43 -15.63 9.67 12.33
CA PRO F 43 -16.24 10.52 13.35
C PRO F 43 -15.25 11.35 14.15
N MET F 44 -15.73 12.44 14.72
CA MET F 44 -14.95 13.28 15.59
C MET F 44 -15.60 13.32 16.99
N HIS F 45 -14.76 13.27 18.03
CA HIS F 45 -15.23 13.20 19.43
C HIS F 45 -14.60 14.29 20.31
N ALA F 46 -15.41 14.88 21.18
CA ALA F 46 -14.96 15.97 22.06
C ALA F 46 -14.59 15.52 23.47
N GLY F 47 -15.08 14.36 23.89
CA GLY F 47 -15.08 13.97 25.31
C GLY F 47 -13.86 13.25 25.84
N ASP F 48 -12.93 12.89 24.94
CA ASP F 48 -11.62 12.37 25.30
C ASP F 48 -10.59 13.34 24.75
N GLU F 49 -9.60 13.73 25.55
CA GLU F 49 -8.75 14.84 25.14
C GLU F 49 -7.86 14.48 23.93
N GLU F 50 -7.41 13.23 23.87
CA GLU F 50 -6.63 12.76 22.74
C GLU F 50 -7.48 12.72 21.45
N GLU F 51 -8.71 12.23 21.54
CA GLU F 51 -9.63 12.26 20.39
C GLU F 51 -9.96 13.68 19.93
N ALA F 52 -10.13 14.61 20.85
CA ALA F 52 -10.40 16.00 20.50
C ALA F 52 -9.22 16.58 19.78
N ALA F 53 -8.02 16.29 20.26
CA ALA F 53 -6.78 16.75 19.61
C ALA F 53 -6.64 16.18 18.20
N ALA F 54 -6.99 14.92 18.04
CA ALA F 54 -6.96 14.27 16.73
C ALA F 54 -7.95 14.91 15.77
N ALA F 55 -9.14 15.25 16.27
CA ALA F 55 -10.11 15.92 15.42
C ALA F 55 -9.65 17.33 15.00
N ARG F 56 -9.12 18.11 15.96
CA ARG F 56 -8.59 19.44 15.65
C ARG F 56 -7.50 19.37 14.60
N THR F 57 -6.61 18.39 14.75
CA THR F 57 -5.55 18.19 13.78
C THR F 57 -6.10 17.91 12.37
N ARG F 58 -7.05 16.98 12.25
CA ARG F 58 -7.69 16.68 10.98
C ARG F 58 -8.38 17.93 10.39
N ILE F 59 -9.07 18.67 11.23
CA ILE F 59 -9.70 19.90 10.78
C ILE F 59 -8.68 20.88 10.24
N GLN F 60 -7.58 21.11 10.97
CA GLN F 60 -6.55 22.06 10.53
C GLN F 60 -5.91 21.62 9.18
N LEU F 61 -5.72 20.31 8.99
CA LEU F 61 -5.21 19.82 7.72
C LEU F 61 -6.20 20.07 6.58
N ALA F 62 -7.48 19.76 6.82
CA ALA F 62 -8.55 20.02 5.85
C ALA F 62 -8.59 21.52 5.53
N MET F 63 -8.48 22.37 6.54
N MET F 63 -8.51 22.37 6.56
CA MET F 63 -8.57 23.82 6.32
CA MET F 63 -8.52 23.83 6.38
C MET F 63 -7.48 24.33 5.37
C MET F 63 -7.50 24.30 5.36
N GLY F 64 -6.26 23.82 5.51
CA GLY F 64 -5.17 24.19 4.61
C GLY F 64 -5.47 23.77 3.16
N GLU F 65 -6.00 22.56 2.99
CA GLU F 65 -6.40 22.09 1.66
C GLU F 65 -7.51 22.96 1.07
N LEU F 66 -8.51 23.29 1.88
CA LEU F 66 -9.63 24.14 1.41
C LEU F 66 -9.19 25.57 1.07
N VAL F 67 -8.30 26.12 1.88
CA VAL F 67 -7.68 27.41 1.56
C VAL F 67 -6.91 27.37 0.22
N ASP F 68 -6.16 26.30 -0.02
CA ASP F 68 -5.44 26.13 -1.28
C ASP F 68 -6.45 26.11 -2.45
N ALA F 69 -7.50 25.33 -2.27
CA ALA F 69 -8.56 25.24 -3.30
C ALA F 69 -9.25 26.60 -3.52
N SER F 70 -9.56 27.30 -2.43
CA SER F 70 -10.20 28.59 -2.54
C SER F 70 -9.36 29.62 -3.32
N ARG F 71 -8.06 29.68 -3.01
CA ARG F 71 -7.15 30.59 -3.70
C ARG F 71 -7.05 30.25 -5.19
N ASN F 72 -6.96 28.97 -5.52
CA ASN F 72 -6.89 28.60 -6.93
C ASN F 72 -8.20 28.82 -7.67
N LEU F 73 -9.32 28.59 -7.00
CA LEU F 73 -10.64 28.92 -7.57
C LEU F 73 -10.76 30.42 -7.83
N ALA F 74 -10.33 31.23 -6.86
CA ALA F 74 -10.36 32.68 -7.03
C ALA F 74 -9.51 33.15 -8.22
N SER F 75 -8.31 32.56 -8.39
CA SER F 75 -7.46 32.91 -9.55
C SER F 75 -8.10 32.45 -10.84
N ALA F 76 -8.63 31.22 -10.84
CA ALA F 76 -9.34 30.72 -12.02
C ALA F 76 -10.49 31.64 -12.43
N MET F 77 -11.28 32.12 -11.47
CA MET F 77 -12.38 33.03 -11.79
C MET F 77 -11.92 34.36 -12.41
N SER F 78 -10.84 34.92 -11.88
CA SER F 78 -10.27 36.16 -12.38
C SER F 78 -9.77 35.95 -13.80
N LEU F 79 -9.00 34.87 -13.99
CA LEU F 79 -8.43 34.58 -15.30
C LEU F 79 -9.51 34.37 -16.35
N MET F 80 -10.51 33.58 -16.02
CA MET F 80 -11.59 33.30 -16.96
C MET F 80 -12.42 34.56 -17.27
N LYS F 81 -12.63 35.42 -16.27
CA LYS F 81 -13.33 36.68 -16.53
C LYS F 81 -12.50 37.62 -17.43
N VAL F 82 -11.20 37.76 -17.14
CA VAL F 82 -10.34 38.62 -17.99
C VAL F 82 -10.35 38.09 -19.43
N ALA F 83 -10.25 36.76 -19.60
CA ALA F 83 -10.31 36.17 -20.94
C ALA F 83 -11.57 36.58 -21.66
N GLU F 84 -12.73 36.43 -20.99
CA GLU F 84 -14.00 36.84 -21.56
C GLU F 84 -13.97 38.33 -21.97
N LEU F 85 -13.49 39.20 -21.08
CA LEU F 85 -13.46 40.62 -21.38
C LEU F 85 -12.53 40.97 -22.55
N LEU F 86 -11.38 40.27 -22.63
CA LEU F 86 -10.47 40.44 -23.78
C LEU F 86 -11.18 40.19 -25.11
N ALA F 87 -12.01 39.14 -25.13
CA ALA F 87 -12.79 38.80 -26.30
C ALA F 87 -13.94 39.76 -26.58
N LEU F 88 -14.67 40.16 -25.54
CA LEU F 88 -15.79 41.09 -25.77
C LEU F 88 -15.28 42.41 -26.36
N HIS F 89 -14.15 42.90 -25.85
CA HIS F 89 -13.55 44.11 -26.38
C HIS F 89 -12.81 43.90 -27.71
N GLY F 90 -12.03 42.84 -27.79
CA GLY F 90 -11.23 42.55 -28.98
C GLY F 90 -12.00 42.11 -30.21
N GLY F 91 -13.13 41.45 -29.99
CA GLY F 91 -13.97 40.96 -31.08
C GLY F 91 -15.06 41.91 -31.51
N SER F 92 -15.12 43.09 -30.90
CA SER F 92 -16.11 44.09 -31.25
C SER F 92 -15.79 44.66 -32.64
N VAL F 93 -16.83 44.89 -33.44
CA VAL F 93 -16.68 45.54 -34.75
C VAL F 93 -16.19 46.97 -34.54
N ASN F 94 -16.94 47.73 -33.76
CA ASN F 94 -16.56 49.07 -33.31
C ASN F 94 -15.57 48.99 -32.11
N PRO F 95 -14.35 49.59 -32.22
CA PRO F 95 -13.43 49.61 -31.05
C PRO F 95 -13.90 50.42 -29.83
N SER F 96 -14.83 51.36 -30.03
CA SER F 96 -15.39 52.17 -28.94
C SER F 96 -16.38 51.39 -28.04
N THR F 97 -17.00 50.34 -28.60
CA THR F 97 -17.97 49.52 -27.88
C THR F 97 -17.39 48.11 -27.61
N HIS F 98 -18.12 47.30 -26.84
CA HIS F 98 -17.75 45.89 -26.62
C HIS F 98 -18.96 44.99 -26.91
N LEU F 99 -18.71 43.75 -27.31
CA LEU F 99 -19.81 42.78 -27.52
C LEU F 99 -20.61 42.57 -26.25
N GLY F 100 -21.92 42.40 -26.41
CA GLY F 100 -22.80 42.19 -25.25
C GLY F 100 -22.54 40.90 -24.50
N GLU F 101 -22.12 39.86 -25.22
CA GLU F 101 -21.78 38.59 -24.61
C GLU F 101 -20.97 37.73 -25.54
N ILE F 102 -20.35 36.71 -24.96
CA ILE F 102 -19.39 35.90 -25.70
C ILE F 102 -19.94 35.20 -26.93
N SER F 103 -21.20 34.75 -26.86
CA SER F 103 -21.82 34.04 -27.96
C SER F 103 -21.97 34.92 -29.21
N LEU F 104 -21.88 36.24 -29.05
CA LEU F 104 -21.98 37.20 -30.18
C LEU F 104 -20.69 37.39 -30.98
N LEU F 105 -19.61 36.69 -30.63
CA LEU F 105 -18.41 36.70 -31.45
C LEU F 105 -18.69 36.24 -32.87
N GLY F 106 -18.02 36.88 -33.84
CA GLY F 106 -18.16 36.49 -35.24
C GLY F 106 -17.49 35.14 -35.46
N ASP F 107 -17.86 34.47 -36.55
CA ASP F 107 -17.26 33.19 -36.95
C ASP F 107 -15.75 33.25 -37.12
N GLN F 108 -15.20 34.42 -37.46
CA GLN F 108 -13.74 34.58 -37.56
C GLN F 108 -13.01 34.38 -36.21
N TYR F 109 -13.77 34.42 -35.12
CA TYR F 109 -13.26 34.07 -33.81
C TYR F 109 -13.88 32.80 -33.24
N LEU F 110 -14.10 31.80 -34.10
CA LEU F 110 -14.74 30.53 -33.69
C LEU F 110 -14.04 29.87 -32.48
N ALA F 111 -12.71 29.78 -32.54
CA ALA F 111 -11.93 29.17 -31.47
C ALA F 111 -12.16 29.88 -30.12
N GLU F 112 -12.10 31.21 -30.12
CA GLU F 112 -12.34 32.00 -28.91
C GLU F 112 -13.80 31.95 -28.46
N ARG F 113 -14.75 31.95 -29.42
CA ARG F 113 -16.16 31.80 -29.09
C ARG F 113 -16.44 30.45 -28.44
N ASN F 114 -15.91 29.37 -29.01
CA ASN F 114 -16.09 28.07 -28.41
C ASN F 114 -15.51 28.02 -26.98
N ALA F 115 -14.29 28.53 -26.85
CA ALA F 115 -13.62 28.55 -25.56
C ALA F 115 -14.37 29.44 -24.56
N GLY F 116 -14.77 30.63 -25.00
CA GLY F 116 -15.46 31.57 -24.14
C GLY F 116 -16.80 31.05 -23.61
N ILE F 117 -17.55 30.35 -24.45
CA ILE F 117 -18.82 29.75 -24.03
C ILE F 117 -18.57 28.78 -22.88
N LYS F 118 -17.51 27.98 -23.00
CA LYS F 118 -17.16 27.03 -21.95
C LYS F 118 -16.74 27.78 -20.67
N LEU F 119 -15.95 28.85 -20.81
CA LEU F 119 -15.48 29.61 -19.66
C LEU F 119 -16.59 30.30 -18.88
N LEU F 120 -17.61 30.76 -19.58
CA LEU F 120 -18.76 31.37 -18.89
C LEU F 120 -19.44 30.39 -17.95
N GLU F 121 -19.56 29.16 -18.42
CA GLU F 121 -20.19 28.12 -17.63
C GLU F 121 -19.23 27.68 -16.54
N ALA F 122 -17.95 27.56 -16.87
CA ALA F 122 -16.94 27.21 -15.84
C ALA F 122 -16.86 28.26 -14.72
N GLY F 123 -17.09 29.53 -15.05
CA GLY F 123 -17.24 30.60 -14.05
C GLY F 123 -18.32 30.36 -13.03
N LYS F 124 -19.45 29.84 -13.49
CA LYS F 124 -20.55 29.49 -12.60
C LYS F 124 -20.20 28.28 -11.74
N ASP F 125 -19.57 27.27 -12.35
CA ASP F 125 -19.08 26.13 -11.59
C ASP F 125 -18.13 26.58 -10.49
N ALA F 126 -17.21 27.48 -10.82
CA ALA F 126 -16.23 27.99 -9.88
C ALA F 126 -16.89 28.72 -8.73
N ARG F 127 -17.91 29.51 -9.03
CA ARG F 127 -18.59 30.27 -7.98
C ARG F 127 -19.37 29.32 -7.04
N LYS F 128 -20.03 28.32 -7.61
CA LYS F 128 -20.71 27.29 -6.82
C LYS F 128 -19.71 26.53 -5.93
N ALA F 129 -18.55 26.17 -6.50
CA ALA F 129 -17.50 25.48 -5.74
C ALA F 129 -17.00 26.35 -4.60
N TYR F 130 -16.75 27.62 -4.90
CA TYR F 130 -16.21 28.55 -3.92
C TYR F 130 -17.13 28.68 -2.74
N ILE F 131 -18.43 28.79 -3.03
CA ILE F 131 -19.46 28.89 -2.02
C ILE F 131 -19.55 27.61 -1.19
N SER F 132 -19.51 26.45 -1.84
CA SER F 132 -19.58 25.21 -1.13
C SER F 132 -18.36 24.96 -0.23
N VAL F 133 -17.18 25.33 -0.73
CA VAL F 133 -15.97 25.31 0.07
C VAL F 133 -16.12 26.21 1.31
N ASP F 134 -16.66 27.41 1.12
N ASP F 134 -16.64 27.42 1.11
CA ASP F 134 -16.88 28.31 2.24
CA ASP F 134 -16.87 28.37 2.22
C ASP F 134 -17.88 27.71 3.24
C ASP F 134 -17.92 27.80 3.22
N GLY F 135 -18.93 27.07 2.73
CA GLY F 135 -19.88 26.33 3.61
C GLY F 135 -19.16 25.25 4.44
N CYS F 136 -18.38 24.41 3.76
CA CYS F 136 -17.56 23.38 4.41
C CYS F 136 -16.65 23.99 5.48
N ARG F 137 -15.91 25.03 5.12
CA ARG F 137 -15.14 25.79 6.11
C ARG F 137 -15.92 26.19 7.35
N GLY F 138 -17.13 26.68 7.12
CA GLY F 138 -18.06 27.06 8.19
C GLY F 138 -18.38 25.89 9.10
N ASN F 139 -18.63 24.71 8.49
CA ASN F 139 -18.91 23.52 9.27
C ASN F 139 -17.71 23.15 10.13
N LEU F 140 -16.51 23.21 9.55
CA LEU F 140 -15.29 22.88 10.28
C LEU F 140 -15.03 23.87 11.42
N ASP F 141 -15.25 25.14 11.18
CA ASP F 141 -15.16 26.13 12.24
C ASP F 141 -16.16 25.85 13.34
N ALA F 142 -17.36 25.42 12.98
CA ALA F 142 -18.38 25.06 13.96
C ALA F 142 -17.91 23.89 14.86
N ILE F 143 -17.30 22.89 14.23
CA ILE F 143 -16.79 21.75 14.96
C ILE F 143 -15.68 22.20 15.90
N LEU F 144 -14.80 23.10 15.45
CA LEU F 144 -13.77 23.61 16.35
C LEU F 144 -14.38 24.28 17.58
N LEU F 145 -15.46 25.03 17.39
CA LEU F 145 -16.19 25.65 18.52
C LEU F 145 -16.78 24.57 19.46
N LEU F 146 -17.40 23.56 18.86
CA LEU F 146 -18.00 22.48 19.63
C LEU F 146 -16.94 21.72 20.45
N LEU F 147 -15.78 21.46 19.83
CA LEU F 147 -14.66 20.81 20.52
C LEU F 147 -14.18 21.61 21.75
N ASP F 148 -14.25 22.93 21.67
CA ASP F 148 -13.95 23.78 22.82
C ASP F 148 -15.04 23.79 23.89
N HIS F 149 -16.20 23.14 23.66
CA HIS F 149 -17.28 23.08 24.67
C HIS F 149 -17.68 21.65 24.98
N PRO F 150 -16.74 20.86 25.49
CA PRO F 150 -17.03 19.45 25.66
C PRO F 150 -18.12 19.12 26.69
N ARG F 151 -18.48 20.06 27.57
CA ARG F 151 -19.53 19.85 28.56
C ARG F 151 -20.95 20.17 28.07
N VAL F 152 -21.08 20.67 26.85
CA VAL F 152 -22.40 20.86 26.24
C VAL F 152 -23.08 19.51 26.08
N PRO F 153 -24.29 19.33 26.66
CA PRO F 153 -24.95 18.06 26.45
C PRO F 153 -25.16 17.74 24.97
N CYS F 154 -24.85 16.51 24.58
CA CYS F 154 -24.98 16.04 23.20
C CYS F 154 -23.98 16.68 22.19
N VAL F 155 -22.83 17.18 22.67
N VAL F 155 -22.85 17.17 22.69
CA VAL F 155 -21.81 17.82 21.80
CA VAL F 155 -21.85 17.83 21.87
C VAL F 155 -21.48 16.92 20.64
C VAL F 155 -21.37 16.96 20.72
N ASP F 156 -21.20 15.65 20.94
CA ASP F 156 -20.76 14.73 19.86
C ASP F 156 -21.81 14.55 18.79
N ASP F 157 -23.10 14.60 19.16
CA ASP F 157 -24.18 14.55 18.17
C ASP F 157 -24.10 15.79 17.27
N PHE F 158 -23.88 16.95 17.88
CA PHE F 158 -23.81 18.20 17.13
C PHE F 158 -22.59 18.21 16.20
N ILE F 159 -21.47 17.69 16.69
CA ILE F 159 -20.27 17.53 15.85
C ILE F 159 -20.60 16.66 14.63
N GLU F 160 -21.29 15.53 14.87
CA GLU F 160 -21.70 14.60 13.78
C GLU F 160 -22.59 15.34 12.76
N GLU F 161 -23.52 16.18 13.23
CA GLU F 161 -24.37 16.95 12.34
C GLU F 161 -23.54 17.89 11.43
N GLU F 162 -22.59 18.60 12.01
CA GLU F 162 -21.77 19.57 11.27
C GLU F 162 -20.77 18.85 10.33
N LEU F 163 -20.23 17.73 10.78
CA LEU F 163 -19.32 16.93 9.96
C LEU F 163 -20.03 16.32 8.73
N PHE F 164 -21.28 15.88 8.90
CA PHE F 164 -22.08 15.38 7.78
C PHE F 164 -22.28 16.49 6.76
N VAL F 165 -22.64 17.68 7.22
CA VAL F 165 -22.84 18.78 6.31
C VAL F 165 -21.52 19.24 5.66
N ALA F 166 -20.42 19.15 6.39
CA ALA F 166 -19.11 19.49 5.83
C ALA F 166 -18.81 18.60 4.62
N GLY F 167 -19.07 17.31 4.77
CA GLY F 167 -18.89 16.33 3.70
C GLY F 167 -19.79 16.57 2.53
N ASP F 168 -21.06 16.89 2.81
CA ASP F 168 -22.04 17.23 1.77
C ASP F 168 -21.61 18.46 0.95
N ASN F 169 -21.21 19.53 1.63
CA ASN F 169 -20.72 20.73 0.97
C ASN F 169 -19.47 20.44 0.14
N LEU F 170 -18.52 19.69 0.70
CA LEU F 170 -17.31 19.37 -0.01
C LEU F 170 -17.57 18.48 -1.23
N GLN F 171 -18.43 17.48 -1.08
CA GLN F 171 -18.87 16.67 -2.25
C GLN F 171 -19.49 17.54 -3.32
N GLY F 172 -20.29 18.53 -2.91
CA GLY F 172 -20.83 19.53 -3.84
C GLY F 172 -19.77 20.24 -4.67
N ALA F 173 -18.78 20.78 -3.98
CA ALA F 173 -17.66 21.48 -4.60
C ALA F 173 -16.85 20.56 -5.53
N ILE F 174 -16.67 19.32 -5.10
CA ILE F 174 -15.97 18.32 -5.90
C ILE F 174 -16.68 18.14 -7.23
N GLY F 175 -18.01 18.01 -7.23
CA GLY F 175 -18.77 17.89 -8.48
C GLY F 175 -18.66 19.14 -9.35
N ASN F 176 -18.76 20.30 -8.72
CA ASN F 176 -18.60 21.57 -9.44
C ASN F 176 -17.21 21.67 -10.06
N ALA F 177 -16.18 21.28 -9.32
CA ALA F 177 -14.82 21.36 -9.87
C ALA F 177 -14.54 20.34 -10.96
N LYS F 178 -15.17 19.17 -10.91
CA LYS F 178 -15.02 18.20 -12.00
C LYS F 178 -15.53 18.77 -13.33
N LEU F 179 -16.69 19.42 -13.28
CA LEU F 179 -17.29 20.02 -14.46
C LEU F 179 -16.54 21.28 -14.90
N GLY F 180 -16.16 22.15 -13.96
CA GLY F 180 -15.36 23.32 -14.31
C GLY F 180 -14.04 22.99 -14.98
N THR F 181 -13.36 21.96 -14.45
CA THR F 181 -12.07 21.55 -14.98
C THR F 181 -12.25 21.00 -16.40
N GLU F 182 -13.27 20.15 -16.59
CA GLU F 182 -13.61 19.60 -17.91
C GLU F 182 -13.81 20.73 -18.94
N ARG F 183 -14.59 21.75 -18.55
CA ARG F 183 -14.83 22.92 -19.41
C ARG F 183 -13.58 23.77 -19.66
N ALA F 184 -12.74 23.94 -18.64
CA ALA F 184 -11.51 24.72 -18.81
C ALA F 184 -10.54 23.99 -19.72
N VAL F 185 -10.41 22.68 -19.52
CA VAL F 185 -9.57 21.82 -20.40
C VAL F 185 -10.10 21.86 -21.85
N GLY F 186 -11.43 21.83 -21.99
CA GLY F 186 -12.08 21.99 -23.28
C GLY F 186 -11.72 23.30 -23.96
N ALA F 187 -11.77 24.38 -23.18
CA ALA F 187 -11.50 25.70 -23.69
C ALA F 187 -10.07 25.81 -24.13
N ARG F 188 -9.16 25.23 -23.34
CA ARG F 188 -7.75 25.20 -23.69
C ARG F 188 -7.59 24.50 -25.03
N GLN F 189 -8.23 23.34 -25.21
CA GLN F 189 -8.10 22.63 -26.47
C GLN F 189 -8.71 23.41 -27.65
N ASP F 190 -9.83 24.13 -27.41
CA ASP F 190 -10.42 25.04 -28.38
C ASP F 190 -9.45 26.11 -28.94
N VAL F 191 -8.57 26.66 -28.08
CA VAL F 191 -7.61 27.69 -28.55
C VAL F 191 -6.14 27.21 -28.74
N SER F 192 -5.90 25.90 -28.67
CA SER F 192 -4.54 25.34 -28.68
C SER F 192 -4.47 24.33 -29.79
#